data_8Z1R
#
_entry.id   8Z1R
#
_cell.length_a   118.430
_cell.length_b   150.495
_cell.length_c   128.243
_cell.angle_alpha   90.000
_cell.angle_beta   90.000
_cell.angle_gamma   90.000
#
_symmetry.space_group_name_H-M   'C 2 2 21'
#
loop_
_entity.id
_entity.type
_entity.pdbx_description
1 polymer 'Isocitrate lyase'
2 non-polymer 'MAGNESIUM ION'
3 non-polymer 1,2-ETHANEDIOL
4 water water
#
_entity_poly.entity_id   1
_entity_poly.type   'polypeptide(L)'
_entity_poly.pdbx_seq_one_letter_code
;HHHHHHSSGLVPRGSLPEAKKAGAAEDALYEQQVRDVEAWWATPRYAGITRPYTAADVVSARGSQQQSYPSSTMARKLWN
LIQERKAEGKPIHTLGAIDPIQMTQQAAHQEVLYVSGWACSSVLTSTNEVSPDFGDYPYNTVPNQVQRLAKAQSMHDRKH
WDARRKMSAQERSSTPYTDYLRPIIADGDTGHGGLTAVTKLAKLFAEAGAAAVHFEDQMHGGKKCGHLAGKVLVSTGEHI
NRLTAARMQWDIMGTENLVIARTDSESGRLISNNIDARDHEFILGVTDPSAAPLAGTLQNMEARGASASEIDAYEAAFTR
DHPLVTFDEAAVSHMKKHNVDPAEYEAGVAKDRDMSIWDRRALAKDILGADKPDVYWDWDVPRTREGYYHFRSGMRAATK
RALAFAPYADLLWVETGDPSVSVCRQLGRAVKEAYPEKALVYNLSPSFNWMGHGFTEQTLKSFIWDIAKEGFVLQLVSLA
GVHTNATATCELARAFKDEGMLAYVNLVQRKEKEIGCDVLTHQKWSGAAYMDRIVGAIQSGSSTSKSMGAGNTEGQFH
;
_entity_poly.pdbx_strand_id   A,B
#
# COMPACT_ATOMS: atom_id res chain seq x y z
N ALA A 24 46.06 -4.08 -21.31
CA ALA A 24 46.13 -4.27 -19.88
C ALA A 24 44.88 -4.99 -19.37
N ALA A 25 44.83 -5.22 -18.06
CA ALA A 25 43.62 -5.78 -17.45
C ALA A 25 42.44 -4.86 -17.68
N GLU A 26 42.63 -3.55 -17.45
CA GLU A 26 41.57 -2.59 -17.65
C GLU A 26 41.33 -2.31 -19.13
N ASP A 27 42.41 -2.26 -19.92
CA ASP A 27 42.26 -1.93 -21.35
C ASP A 27 41.50 -3.02 -22.08
N ALA A 28 41.80 -4.29 -21.79
CA ALA A 28 41.07 -5.38 -22.42
C ALA A 28 39.60 -5.33 -22.08
N LEU A 29 39.27 -5.15 -20.79
CA LEU A 29 37.87 -5.08 -20.38
C LEU A 29 37.17 -3.93 -21.07
N TYR A 30 37.82 -2.76 -21.14
CA TYR A 30 37.22 -1.62 -21.82
C TYR A 30 36.95 -1.94 -23.29
N GLU A 31 37.99 -2.40 -24.00
CA GLU A 31 37.83 -2.67 -25.42
C GLU A 31 36.78 -3.76 -25.67
N GLN A 32 36.78 -4.81 -24.84
CA GLN A 32 35.78 -5.86 -25.02
C GLN A 32 34.36 -5.33 -24.86
N GLN A 33 34.15 -4.45 -23.88
CA GLN A 33 32.81 -3.90 -23.68
C GLN A 33 32.40 -2.96 -24.80
N VAL A 34 33.35 -2.20 -25.35
CA VAL A 34 32.99 -1.35 -26.49
C VAL A 34 32.51 -2.20 -27.65
N ARG A 35 33.24 -3.27 -27.98
CA ARG A 35 32.79 -4.16 -29.05
C ARG A 35 31.43 -4.75 -28.74
N ASP A 36 31.21 -5.16 -27.48
CA ASP A 36 29.95 -5.76 -27.06
C ASP A 36 28.78 -4.79 -27.22
N VAL A 37 28.97 -3.56 -26.75
CA VAL A 37 27.89 -2.58 -26.81
C VAL A 37 27.53 -2.27 -28.26
N GLU A 38 28.54 -2.09 -29.11
CA GLU A 38 28.25 -1.82 -30.52
C GLU A 38 27.47 -2.96 -31.15
N ALA A 39 27.86 -4.21 -30.87
CA ALA A 39 27.13 -5.35 -31.41
C ALA A 39 25.70 -5.38 -30.87
N TRP A 40 25.55 -5.07 -29.58
CA TRP A 40 24.24 -5.04 -28.92
C TRP A 40 23.30 -4.08 -29.63
N TRP A 41 23.77 -2.87 -29.91
CA TRP A 41 22.92 -1.89 -30.57
C TRP A 41 22.54 -2.28 -31.98
N ALA A 42 23.25 -3.22 -32.59
CA ALA A 42 22.96 -3.67 -33.95
C ALA A 42 21.95 -4.82 -34.03
N THR A 43 21.47 -5.32 -32.89
CA THR A 43 20.53 -6.43 -32.90
C THR A 43 19.13 -5.96 -33.29
N PRO A 44 18.25 -6.88 -33.69
CA PRO A 44 16.88 -6.46 -34.06
C PRO A 44 16.15 -5.71 -32.95
N ARG A 45 16.47 -6.00 -31.68
CA ARG A 45 15.84 -5.28 -30.57
C ARG A 45 15.93 -3.77 -30.75
N TYR A 46 17.00 -3.27 -31.36
CA TYR A 46 17.19 -1.82 -31.48
C TYR A 46 17.15 -1.34 -32.92
N ALA A 47 16.54 -2.11 -33.83
CA ALA A 47 16.32 -1.62 -35.19
C ALA A 47 15.55 -0.31 -35.20
N GLY A 48 16.08 0.69 -35.89
CA GLY A 48 15.43 1.97 -36.04
C GLY A 48 15.59 2.91 -34.86
N ILE A 49 16.28 2.51 -33.80
CA ILE A 49 16.46 3.37 -32.63
C ILE A 49 17.70 4.21 -32.83
N THR A 50 17.56 5.53 -32.67
CA THR A 50 18.67 6.47 -32.82
C THR A 50 19.32 6.74 -31.47
N ARG A 51 20.65 6.69 -31.44
CA ARG A 51 21.42 7.06 -30.25
C ARG A 51 22.43 8.13 -30.65
N PRO A 52 22.33 9.35 -30.11
CA PRO A 52 23.28 10.41 -30.48
C PRO A 52 24.64 10.30 -29.82
N TYR A 53 24.87 9.30 -28.98
CA TYR A 53 26.16 9.08 -28.33
C TYR A 53 26.77 7.78 -28.86
N THR A 54 28.00 7.51 -28.45
CA THR A 54 28.78 6.40 -28.96
C THR A 54 28.91 5.30 -27.92
N ALA A 55 29.36 4.13 -28.38
CA ALA A 55 29.63 3.03 -27.46
C ALA A 55 30.75 3.38 -26.48
N ALA A 56 31.78 4.09 -26.96
CA ALA A 56 32.83 4.55 -26.06
C ALA A 56 32.28 5.47 -24.99
N ASP A 57 31.38 6.39 -25.36
CA ASP A 57 30.74 7.26 -24.37
C ASP A 57 30.12 6.44 -23.26
N VAL A 58 29.42 5.36 -23.63
CA VAL A 58 28.71 4.55 -22.64
C VAL A 58 29.69 3.76 -21.76
N VAL A 59 30.67 3.09 -22.39
CA VAL A 59 31.56 2.23 -21.60
C VAL A 59 32.44 3.06 -20.67
N SER A 60 32.84 4.27 -21.10
CA SER A 60 33.58 5.19 -20.24
C SER A 60 32.84 5.55 -18.97
N ALA A 61 31.51 5.42 -18.96
CA ALA A 61 30.74 5.80 -17.79
C ALA A 61 30.42 4.62 -16.89
N ARG A 62 30.90 3.41 -17.23
CA ARG A 62 30.44 2.20 -16.57
C ARG A 62 31.19 1.81 -15.31
N GLY A 63 32.44 2.20 -15.15
CA GLY A 63 33.24 1.58 -14.12
C GLY A 63 33.60 0.16 -14.49
N SER A 64 34.13 -0.58 -13.52
CA SER A 64 34.67 -1.91 -13.75
C SER A 64 33.75 -3.03 -13.30
N GLN A 65 32.63 -2.71 -12.66
CA GLN A 65 31.77 -3.68 -11.99
C GLN A 65 30.55 -3.94 -12.86
N GLN A 66 30.39 -5.18 -13.33
CA GLN A 66 29.20 -5.52 -14.10
C GLN A 66 28.14 -6.07 -13.15
N GLN A 67 26.89 -5.75 -13.47
CA GLN A 67 25.75 -6.15 -12.67
C GLN A 67 24.62 -6.49 -13.62
N SER A 68 23.86 -7.53 -13.33
CA SER A 68 22.68 -7.89 -14.11
C SER A 68 21.43 -7.54 -13.33
N TYR A 69 20.38 -7.16 -14.04
CA TYR A 69 19.13 -6.71 -13.42
C TYR A 69 17.97 -7.58 -13.87
N PRO A 70 17.14 -8.08 -12.96
CA PRO A 70 15.94 -8.82 -13.37
C PRO A 70 15.01 -8.01 -14.26
N SER A 71 14.95 -6.68 -14.10
CA SER A 71 14.08 -5.88 -14.95
C SER A 71 14.45 -6.04 -16.42
N SER A 72 15.69 -6.38 -16.71
CA SER A 72 16.10 -6.53 -18.10
C SER A 72 15.59 -7.84 -18.69
N THR A 73 15.54 -8.91 -17.89
CA THR A 73 14.89 -10.13 -18.35
C THR A 73 13.41 -9.91 -18.56
N MET A 74 12.77 -9.19 -17.64
CA MET A 74 11.38 -8.83 -17.82
C MET A 74 11.18 -7.95 -19.06
N ALA A 75 12.16 -7.09 -19.35
CA ALA A 75 12.02 -6.24 -20.53
C ALA A 75 12.06 -7.05 -21.81
N ARG A 76 12.93 -8.06 -21.86
CA ARG A 76 12.98 -8.93 -23.03
C ARG A 76 11.69 -9.75 -23.15
N LYS A 77 11.16 -10.21 -22.02
CA LYS A 77 9.88 -10.92 -22.03
C LYS A 77 8.77 -10.04 -22.59
N LEU A 78 8.74 -8.77 -22.18
CA LEU A 78 7.76 -7.82 -22.67
C LEU A 78 7.96 -7.53 -24.16
N TRP A 79 9.21 -7.31 -24.57
CA TRP A 79 9.51 -7.05 -25.97
C TRP A 79 9.00 -8.19 -26.86
N ASN A 80 9.34 -9.44 -26.48
CA ASN A 80 8.89 -10.58 -27.27
C ASN A 80 7.38 -10.69 -27.30
N LEU A 81 6.73 -10.46 -26.15
CA LEU A 81 5.27 -10.51 -26.11
C LEU A 81 4.66 -9.45 -27.02
N ILE A 82 5.23 -8.24 -27.02
CA ILE A 82 4.74 -7.19 -27.90
C ILE A 82 4.87 -7.64 -29.36
N GLN A 83 6.03 -8.21 -29.72
CA GLN A 83 6.22 -8.62 -31.12
C GLN A 83 5.18 -9.66 -31.53
N GLU A 84 4.96 -10.64 -30.65
CA GLU A 84 4.03 -11.72 -30.94
C GLU A 84 2.59 -11.20 -31.06
N ARG A 85 2.15 -10.37 -30.10
CA ARG A 85 0.77 -9.90 -30.14
C ARG A 85 0.55 -8.92 -31.28
N LYS A 86 1.54 -8.07 -31.56
CA LYS A 86 1.41 -7.13 -32.66
C LYS A 86 1.22 -7.86 -33.98
N ALA A 87 1.96 -8.95 -34.17
CA ALA A 87 1.86 -9.73 -35.41
C ALA A 87 0.47 -10.34 -35.56
N GLU A 88 -0.19 -10.68 -34.45
CA GLU A 88 -1.54 -11.23 -34.45
C GLU A 88 -2.62 -10.17 -34.51
N GLY A 89 -2.27 -8.90 -34.36
CA GLY A 89 -3.29 -7.86 -34.21
C GLY A 89 -4.13 -8.02 -32.97
N LYS A 90 -3.54 -8.54 -31.88
CA LYS A 90 -4.20 -8.84 -30.63
C LYS A 90 -3.73 -7.93 -29.50
N PRO A 91 -4.54 -7.75 -28.46
CA PRO A 91 -4.18 -6.83 -27.37
C PRO A 91 -3.40 -7.48 -26.23
N ILE A 92 -2.57 -6.65 -25.62
CA ILE A 92 -2.08 -6.86 -24.25
C ILE A 92 -2.81 -5.83 -23.39
N HIS A 93 -3.97 -6.18 -22.86
CA HIS A 93 -4.78 -5.25 -22.08
C HIS A 93 -4.65 -5.58 -20.60
N THR A 94 -4.44 -4.55 -19.78
CA THR A 94 -4.21 -4.80 -18.37
C THR A 94 -4.90 -3.71 -17.54
N LEU A 95 -4.80 -3.88 -16.22
CA LEU A 95 -5.46 -3.03 -15.23
C LEU A 95 -4.40 -2.48 -14.30
N GLY A 96 -4.50 -1.19 -13.97
CA GLY A 96 -3.55 -0.60 -13.04
C GLY A 96 -3.72 -1.23 -11.67
N ALA A 97 -2.64 -1.71 -11.09
CA ALA A 97 -2.67 -2.38 -9.79
C ALA A 97 -1.95 -1.53 -8.76
N ILE A 98 -2.49 -1.46 -7.54
CA ILE A 98 -1.98 -0.55 -6.54
C ILE A 98 -1.34 -1.26 -5.37
N ASP A 99 -1.36 -2.60 -5.34
CA ASP A 99 -0.83 -3.31 -4.18
C ASP A 99 -0.57 -4.76 -4.58
N PRO A 100 0.16 -5.52 -3.76
CA PRO A 100 0.48 -6.91 -4.10
C PRO A 100 -0.73 -7.84 -4.17
N ILE A 101 -1.79 -7.58 -3.42
CA ILE A 101 -3.01 -8.38 -3.53
C ILE A 101 -3.56 -8.32 -4.95
N GLN A 102 -3.67 -7.11 -5.50
CA GLN A 102 -4.19 -6.98 -6.86
C GLN A 102 -3.27 -7.68 -7.86
N MET A 103 -1.95 -7.56 -7.67
CA MET A 103 -1.03 -8.30 -8.54
C MET A 103 -1.33 -9.80 -8.51
N THR A 104 -1.50 -10.37 -7.32
CA THR A 104 -1.68 -11.82 -7.27
C THR A 104 -2.97 -12.25 -7.95
N GLN A 105 -4.00 -11.40 -7.89
CA GLN A 105 -5.28 -11.77 -8.48
C GLN A 105 -5.33 -11.53 -10.00
N GLN A 106 -4.41 -10.72 -10.55
CA GLN A 106 -4.33 -10.50 -11.99
C GLN A 106 -3.40 -11.47 -12.69
N ALA A 107 -2.57 -12.19 -11.94
CA ALA A 107 -1.40 -12.86 -12.53
C ALA A 107 -1.79 -13.93 -13.54
N ALA A 108 -2.86 -14.69 -13.26
CA ALA A 108 -3.29 -15.72 -14.20
C ALA A 108 -4.01 -15.15 -15.43
N HIS A 109 -4.33 -13.85 -15.44
CA HIS A 109 -5.24 -13.31 -16.45
C HIS A 109 -4.60 -12.23 -17.30
N GLN A 110 -3.97 -11.22 -16.70
CA GLN A 110 -3.34 -10.14 -17.44
C GLN A 110 -1.86 -10.46 -17.64
N GLU A 111 -1.35 -10.21 -18.85
CA GLU A 111 0.00 -10.65 -19.19
C GLU A 111 1.09 -9.66 -18.79
N VAL A 112 0.71 -8.45 -18.39
CA VAL A 112 1.63 -7.42 -17.89
C VAL A 112 0.94 -6.74 -16.72
N LEU A 113 1.72 -5.96 -15.97
CA LEU A 113 1.26 -5.26 -14.79
C LEU A 113 1.54 -3.78 -14.99
N TYR A 114 0.56 -2.92 -14.71
CA TYR A 114 0.75 -1.48 -14.87
C TYR A 114 0.73 -0.77 -13.52
N VAL A 115 1.66 0.17 -13.34
CA VAL A 115 1.82 0.94 -12.10
C VAL A 115 1.66 2.43 -12.42
N SER A 116 0.65 3.05 -11.85
CA SER A 116 0.26 4.41 -12.18
C SER A 116 0.79 5.41 -11.15
N GLY A 117 1.24 6.56 -11.63
CA GLY A 117 1.67 7.61 -10.72
C GLY A 117 0.51 8.33 -10.06
N TRP A 118 -0.62 8.45 -10.77
CA TRP A 118 -1.84 8.96 -10.15
C TRP A 118 -2.18 8.18 -8.89
N ALA A 119 -2.23 6.85 -9.01
CA ALA A 119 -2.47 5.99 -7.84
C ALA A 119 -1.48 6.29 -6.73
N CYS A 120 -0.18 6.34 -7.05
CA CYS A 120 0.83 6.61 -6.04
C CYS A 120 0.59 7.94 -5.33
N SER A 121 0.18 8.96 -6.08
CA SER A 121 0.04 10.29 -5.48
C SER A 121 -0.99 10.29 -4.36
N SER A 122 -2.06 9.50 -4.50
CA SER A 122 -3.12 9.49 -3.51
C SER A 122 -3.06 8.31 -2.54
N VAL A 123 -2.24 7.28 -2.80
CA VAL A 123 -2.29 6.09 -1.96
C VAL A 123 -0.93 5.64 -1.40
N LEU A 124 0.19 5.99 -2.05
CA LEU A 124 1.50 5.58 -1.52
C LEU A 124 2.60 6.45 -2.10
N THR A 125 3.12 7.37 -1.28
CA THR A 125 4.21 8.27 -1.62
C THR A 125 5.43 7.93 -0.75
N SER A 126 6.61 8.32 -1.23
CA SER A 126 7.86 8.09 -0.50
C SER A 126 7.92 8.83 0.84
N THR A 127 7.12 9.89 1.01
CA THR A 127 7.05 10.63 2.27
C THR A 127 5.76 10.37 3.03
N ASN A 128 4.87 9.52 2.51
CA ASN A 128 3.53 9.30 3.04
C ASN A 128 2.65 10.55 2.97
N GLU A 129 3.09 11.60 2.28
CA GLU A 129 2.25 12.78 2.03
C GLU A 129 1.51 12.55 0.71
N VAL A 130 0.22 12.26 0.79
CA VAL A 130 -0.60 11.99 -0.39
C VAL A 130 -1.31 13.28 -0.79
N SER A 131 -1.60 13.41 -2.09
CA SER A 131 -2.13 14.64 -2.65
C SER A 131 -2.70 14.34 -4.03
N PRO A 132 -3.49 15.26 -4.59
CA PRO A 132 -3.87 15.14 -6.00
C PRO A 132 -2.62 15.08 -6.88
N ASP A 133 -2.80 14.54 -8.08
CA ASP A 133 -1.67 14.23 -8.95
C ASP A 133 -1.18 15.49 -9.67
N PHE A 134 -0.10 16.06 -9.16
CA PHE A 134 0.68 17.07 -9.87
C PHE A 134 2.06 16.54 -10.22
N GLY A 135 2.27 15.24 -10.10
CA GLY A 135 3.62 14.68 -10.17
C GLY A 135 4.59 15.37 -9.23
N ASP A 136 4.13 15.71 -8.04
CA ASP A 136 4.93 16.52 -7.11
C ASP A 136 5.36 15.76 -5.86
N TYR A 137 5.26 14.44 -5.87
CA TYR A 137 5.90 13.62 -4.85
C TYR A 137 7.40 13.53 -5.16
N PRO A 138 8.23 13.12 -4.21
CA PRO A 138 9.65 12.90 -4.53
C PRO A 138 9.77 11.82 -5.61
N TYR A 139 10.79 11.95 -6.46
CA TYR A 139 10.77 11.08 -7.65
C TYR A 139 11.12 9.62 -7.34
N ASN A 140 11.49 9.26 -6.12
CA ASN A 140 11.60 7.83 -5.83
C ASN A 140 10.25 7.17 -5.51
N THR A 141 9.15 7.91 -5.64
CA THR A 141 7.84 7.40 -5.25
C THR A 141 7.36 6.25 -6.14
N VAL A 142 7.34 6.45 -7.46
CA VAL A 142 6.80 5.38 -8.30
C VAL A 142 7.81 4.23 -8.36
N PRO A 143 9.13 4.45 -8.40
CA PRO A 143 10.03 3.30 -8.30
C PRO A 143 9.85 2.50 -7.02
N ASN A 144 9.54 3.15 -5.89
N ASN A 144 9.55 3.16 -5.89
CA ASN A 144 9.29 2.37 -4.67
CA ASN A 144 9.27 2.41 -4.65
C ASN A 144 8.05 1.49 -4.81
C ASN A 144 8.05 1.51 -4.81
N GLN A 145 7.01 2.00 -5.48
CA GLN A 145 5.83 1.16 -5.71
C GLN A 145 6.16 0.00 -6.65
N VAL A 146 6.99 0.24 -7.68
CA VAL A 146 7.43 -0.86 -8.53
C VAL A 146 8.16 -1.93 -7.69
N GLN A 147 9.08 -1.49 -6.82
CA GLN A 147 9.84 -2.43 -6.01
C GLN A 147 8.93 -3.24 -5.11
N ARG A 148 7.93 -2.59 -4.53
CA ARG A 148 6.97 -3.29 -3.67
C ARG A 148 6.26 -4.39 -4.44
N LEU A 149 5.86 -4.11 -5.68
CA LEU A 149 5.17 -5.11 -6.49
C LEU A 149 6.13 -6.20 -6.98
N ALA A 150 7.35 -5.82 -7.39
CA ALA A 150 8.30 -6.80 -7.91
C ALA A 150 8.76 -7.77 -6.83
N LYS A 151 9.02 -7.27 -5.62
CA LYS A 151 9.38 -8.17 -4.53
C LYS A 151 8.23 -9.10 -4.17
N ALA A 152 7.00 -8.62 -4.23
CA ALA A 152 5.86 -9.52 -4.04
C ALA A 152 5.76 -10.55 -5.16
N GLN A 153 6.03 -10.15 -6.40
CA GLN A 153 6.00 -11.12 -7.49
C GLN A 153 6.98 -12.26 -7.23
N SER A 154 8.18 -11.91 -6.76
CA SER A 154 9.20 -12.92 -6.47
C SER A 154 8.77 -13.81 -5.32
N MET A 155 8.18 -13.24 -4.28
CA MET A 155 7.66 -14.04 -3.17
C MET A 155 6.62 -15.05 -3.64
N HIS A 156 5.66 -14.61 -4.47
CA HIS A 156 4.59 -15.51 -4.89
C HIS A 156 5.07 -16.52 -5.92
N ASP A 157 6.05 -16.16 -6.74
CA ASP A 157 6.67 -17.15 -7.63
C ASP A 157 7.38 -18.22 -6.80
N ARG A 158 8.09 -17.82 -5.74
CA ARG A 158 8.75 -18.81 -4.90
C ARG A 158 7.75 -19.71 -4.20
N LYS A 159 6.69 -19.12 -3.63
CA LYS A 159 5.63 -19.92 -3.03
C LYS A 159 5.04 -20.91 -4.04
N HIS A 160 4.83 -20.45 -5.26
CA HIS A 160 4.20 -21.27 -6.29
C HIS A 160 5.10 -22.43 -6.71
N TRP A 161 6.39 -22.14 -6.91
CA TRP A 161 7.35 -23.17 -7.28
C TRP A 161 7.49 -24.21 -6.16
N ASP A 162 7.52 -23.74 -4.91
CA ASP A 162 7.57 -24.66 -3.77
C ASP A 162 6.33 -25.55 -3.73
N ALA A 163 5.15 -24.98 -3.96
CA ALA A 163 3.93 -25.77 -3.98
C ALA A 163 4.01 -26.88 -5.03
N ARG A 164 4.50 -26.55 -6.22
CA ARG A 164 4.51 -27.53 -7.29
C ARG A 164 5.50 -28.66 -7.03
N ARG A 165 6.64 -28.34 -6.40
CA ARG A 165 7.60 -29.39 -6.06
C ARG A 165 7.03 -30.38 -5.05
N LYS A 166 6.00 -29.99 -4.30
CA LYS A 166 5.31 -30.89 -3.39
C LYS A 166 4.24 -31.74 -4.07
N MET A 167 3.95 -31.48 -5.34
CA MET A 167 2.97 -32.25 -6.08
C MET A 167 3.64 -33.44 -6.77
N SER A 168 2.82 -34.40 -7.18
CA SER A 168 3.31 -35.48 -8.02
C SER A 168 3.67 -34.93 -9.40
N ALA A 169 4.52 -35.67 -10.11
CA ALA A 169 4.96 -35.23 -11.43
C ALA A 169 3.79 -35.17 -12.41
N GLN A 170 2.83 -36.08 -12.29
CA GLN A 170 1.67 -36.06 -13.18
C GLN A 170 0.65 -35.02 -12.76
N GLU A 171 0.50 -34.79 -11.45
CA GLU A 171 -0.34 -33.69 -10.99
C GLU A 171 0.20 -32.35 -11.45
N ARG A 172 1.52 -32.22 -11.61
CA ARG A 172 2.09 -31.02 -12.19
C ARG A 172 1.59 -30.80 -13.61
N SER A 173 1.58 -31.87 -14.42
CA SER A 173 1.04 -31.77 -15.77
C SER A 173 -0.44 -31.42 -15.76
N SER A 174 -1.17 -31.85 -14.73
CA SER A 174 -2.59 -31.57 -14.63
C SER A 174 -2.89 -30.14 -14.18
N THR A 175 -1.93 -29.49 -13.48
CA THR A 175 -2.20 -28.20 -12.86
C THR A 175 -1.64 -27.06 -13.70
N PRO A 176 -2.44 -26.04 -14.00
CA PRO A 176 -1.92 -24.88 -14.74
C PRO A 176 -0.85 -24.13 -13.95
N TYR A 177 0.23 -23.80 -14.64
CA TYR A 177 1.27 -22.97 -14.03
C TYR A 177 0.81 -21.51 -13.99
N THR A 178 0.97 -20.88 -12.82
CA THR A 178 0.66 -19.47 -12.67
C THR A 178 1.94 -18.65 -12.77
N ASP A 179 1.96 -17.71 -13.70
CA ASP A 179 3.12 -16.85 -13.91
C ASP A 179 2.93 -15.57 -13.10
N TYR A 180 3.58 -15.48 -11.94
CA TYR A 180 3.57 -14.26 -11.14
C TYR A 180 4.59 -13.24 -11.61
N LEU A 181 5.43 -13.58 -12.57
CA LEU A 181 6.50 -12.69 -13.04
C LEU A 181 6.07 -11.98 -14.33
N ARG A 182 4.99 -11.23 -14.23
CA ARG A 182 4.52 -10.45 -15.37
C ARG A 182 5.31 -9.16 -15.48
N PRO A 183 5.77 -8.79 -16.68
CA PRO A 183 6.51 -7.54 -16.85
C PRO A 183 5.73 -6.33 -16.36
N ILE A 184 6.42 -5.43 -15.66
CA ILE A 184 5.82 -4.24 -15.05
C ILE A 184 6.05 -3.03 -15.95
N ILE A 185 4.99 -2.25 -16.22
CA ILE A 185 5.09 -0.98 -16.92
C ILE A 185 4.76 0.11 -15.91
N ALA A 186 5.60 1.15 -15.84
CA ALA A 186 5.49 2.16 -14.79
C ALA A 186 5.57 3.59 -15.34
N ASP A 187 4.91 4.49 -14.62
CA ASP A 187 4.79 5.90 -14.98
C ASP A 187 6.02 6.69 -14.53
N GLY A 188 6.78 7.26 -15.48
CA GLY A 188 7.89 8.13 -15.16
C GLY A 188 7.56 9.63 -15.16
N ASP A 189 6.28 9.98 -15.31
CA ASP A 189 5.80 11.37 -15.29
C ASP A 189 6.58 12.12 -16.35
N THR A 190 7.09 13.31 -16.06
CA THR A 190 7.87 14.10 -17.00
C THR A 190 9.37 13.85 -16.88
N GLY A 191 9.78 12.91 -16.03
CA GLY A 191 11.19 12.72 -15.74
C GLY A 191 11.67 13.41 -14.49
N HIS A 192 10.86 14.33 -13.94
CA HIS A 192 11.08 14.93 -12.61
C HIS A 192 12.30 15.86 -12.58
N GLY A 193 12.52 16.60 -13.65
CA GLY A 193 13.53 17.64 -13.63
C GLY A 193 14.42 17.60 -14.84
N GLY A 194 15.69 17.96 -14.67
CA GLY A 194 16.64 18.02 -15.76
C GLY A 194 17.12 16.64 -16.18
N LEU A 195 18.05 16.63 -17.13
CA LEU A 195 18.53 15.38 -17.67
C LEU A 195 19.19 14.50 -16.61
N THR A 196 19.90 15.09 -15.64
CA THR A 196 20.49 14.23 -14.62
C THR A 196 19.43 13.59 -13.75
N ALA A 197 18.36 14.32 -13.44
CA ALA A 197 17.22 13.70 -12.74
C ALA A 197 16.63 12.54 -13.54
N VAL A 198 16.44 12.72 -14.85
CA VAL A 198 15.92 11.63 -15.68
C VAL A 198 16.82 10.40 -15.60
N THR A 199 18.14 10.59 -15.68
CA THR A 199 19.02 9.42 -15.59
C THR A 199 18.90 8.74 -14.24
N LYS A 200 18.71 9.52 -13.18
CA LYS A 200 18.62 8.89 -11.86
C LYS A 200 17.28 8.20 -11.69
N LEU A 201 16.21 8.79 -12.23
CA LEU A 201 14.92 8.14 -12.21
C LEU A 201 14.92 6.85 -13.02
N ALA A 202 15.54 6.86 -14.21
CA ALA A 202 15.63 5.64 -15.01
C ALA A 202 16.42 4.57 -14.29
N LYS A 203 17.51 4.97 -13.61
CA LYS A 203 18.29 4.04 -12.81
C LYS A 203 17.43 3.38 -11.73
N LEU A 204 16.70 4.20 -10.98
CA LEU A 204 15.85 3.65 -9.92
C LEU A 204 14.84 2.66 -10.45
N PHE A 205 14.27 2.94 -11.63
CA PHE A 205 13.27 2.05 -12.21
C PHE A 205 13.89 0.72 -12.64
N ALA A 206 15.08 0.74 -13.27
CA ALA A 206 15.71 -0.52 -13.64
C ALA A 206 16.11 -1.31 -12.41
N GLU A 207 16.52 -0.62 -11.34
CA GLU A 207 16.84 -1.29 -10.08
C GLU A 207 15.60 -1.85 -9.40
N ALA A 208 14.48 -1.13 -9.49
CA ALA A 208 13.27 -1.54 -8.79
C ALA A 208 12.59 -2.72 -9.46
N GLY A 209 12.79 -2.87 -10.77
CA GLY A 209 12.18 -3.98 -11.48
C GLY A 209 11.31 -3.64 -12.68
N ALA A 210 11.17 -2.36 -13.04
CA ALA A 210 10.27 -2.00 -14.15
C ALA A 210 10.82 -2.48 -15.49
N ALA A 211 9.97 -3.17 -16.26
CA ALA A 211 10.35 -3.59 -17.61
C ALA A 211 10.29 -2.44 -18.61
N ALA A 212 9.45 -1.43 -18.34
CA ALA A 212 9.21 -0.32 -19.26
C ALA A 212 8.77 0.88 -18.44
N VAL A 213 9.11 2.09 -18.91
CA VAL A 213 8.75 3.33 -18.23
C VAL A 213 8.25 4.31 -19.27
N HIS A 214 7.13 4.99 -19.01
CA HIS A 214 6.67 6.02 -19.93
C HIS A 214 6.98 7.42 -19.39
N PHE A 215 7.36 8.31 -20.32
CA PHE A 215 7.71 9.70 -20.03
C PHE A 215 6.88 10.60 -20.94
N GLU A 216 6.27 11.64 -20.38
CA GLU A 216 5.34 12.48 -21.13
C GLU A 216 5.90 13.88 -21.38
N ASP A 217 5.50 14.46 -22.52
CA ASP A 217 6.08 15.72 -23.00
C ASP A 217 5.48 16.97 -22.35
N GLN A 218 5.22 16.92 -21.05
CA GLN A 218 4.76 18.08 -20.29
C GLN A 218 5.89 18.66 -19.46
N MET A 219 5.72 19.92 -19.07
CA MET A 219 6.70 20.61 -18.25
C MET A 219 6.63 20.12 -16.82
N HIS A 220 7.78 19.85 -16.22
CA HIS A 220 7.81 19.47 -14.81
C HIS A 220 7.40 20.65 -13.94
N GLY A 221 6.31 20.49 -13.19
CA GLY A 221 5.80 21.56 -12.36
C GLY A 221 4.85 22.47 -13.12
N GLY A 230 -4.92 24.12 -18.31
CA GLY A 230 -4.25 23.11 -17.50
C GLY A 230 -2.82 22.77 -17.93
N LYS A 231 -2.69 21.89 -18.92
CA LYS A 231 -1.42 21.26 -19.24
C LYS A 231 -0.49 22.20 -20.00
N VAL A 232 0.80 22.07 -19.73
CA VAL A 232 1.84 22.85 -20.40
C VAL A 232 2.80 21.86 -21.04
N LEU A 233 2.96 21.96 -22.36
CA LEU A 233 3.91 21.12 -23.09
C LEU A 233 5.33 21.66 -22.98
N VAL A 234 6.31 20.79 -23.15
CA VAL A 234 7.69 21.21 -23.43
C VAL A 234 7.93 21.15 -24.93
N SER A 235 9.05 21.72 -25.36
CA SER A 235 9.42 21.63 -26.78
C SER A 235 9.61 20.18 -27.19
N THR A 236 9.49 19.94 -28.49
CA THR A 236 9.75 18.62 -29.05
C THR A 236 11.16 18.14 -28.68
N GLY A 237 12.16 19.01 -28.84
CA GLY A 237 13.53 18.64 -28.56
C GLY A 237 13.79 18.38 -27.09
N GLU A 238 13.14 19.13 -26.20
CA GLU A 238 13.29 18.86 -24.77
C GLU A 238 12.85 17.44 -24.43
N HIS A 239 11.74 16.97 -25.02
CA HIS A 239 11.29 15.65 -24.65
C HIS A 239 12.17 14.58 -25.28
N ILE A 240 12.65 14.82 -26.51
CA ILE A 240 13.59 13.88 -27.12
C ILE A 240 14.80 13.69 -26.22
N ASN A 241 15.28 14.79 -25.62
CA ASN A 241 16.46 14.71 -24.76
C ASN A 241 16.18 13.87 -23.52
N ARG A 242 14.97 13.96 -22.96
CA ARG A 242 14.61 13.09 -21.85
C ARG A 242 14.65 11.61 -22.25
N LEU A 243 14.05 11.29 -23.40
CA LEU A 243 14.05 9.89 -23.86
C LEU A 243 15.47 9.40 -24.10
N THR A 244 16.33 10.25 -24.67
CA THR A 244 17.73 9.90 -24.88
C THR A 244 18.47 9.70 -23.56
N ALA A 245 18.15 10.52 -22.54
CA ALA A 245 18.80 10.35 -21.24
C ALA A 245 18.43 9.03 -20.59
N ALA A 246 17.16 8.63 -20.65
CA ALA A 246 16.78 7.33 -20.08
C ALA A 246 17.48 6.20 -20.80
N ARG A 247 17.52 6.27 -22.14
CA ARG A 247 18.17 5.21 -22.90
C ARG A 247 19.65 5.12 -22.55
N MET A 248 20.33 6.26 -22.41
CA MET A 248 21.76 6.20 -22.14
C MET A 248 22.02 5.58 -20.78
N GLN A 249 21.19 5.91 -19.78
CA GLN A 249 21.39 5.31 -18.46
C GLN A 249 21.21 3.80 -18.51
N TRP A 250 20.17 3.33 -19.20
CA TRP A 250 20.00 1.89 -19.34
C TRP A 250 21.12 1.27 -20.17
N ASP A 251 21.63 1.98 -21.19
CA ASP A 251 22.80 1.49 -21.93
C ASP A 251 24.01 1.34 -21.00
N ILE A 252 24.22 2.33 -20.12
CA ILE A 252 25.33 2.24 -19.17
C ILE A 252 25.14 1.05 -18.25
N MET A 253 23.91 0.81 -17.81
CA MET A 253 23.61 -0.33 -16.94
C MET A 253 23.58 -1.66 -17.67
N GLY A 254 23.60 -1.64 -19.00
CA GLY A 254 23.54 -2.87 -19.76
C GLY A 254 22.17 -3.50 -19.83
N THR A 255 21.11 -2.75 -19.54
CA THR A 255 19.76 -3.28 -19.47
C THR A 255 18.96 -2.85 -20.71
N GLU A 256 17.90 -3.62 -21.00
CA GLU A 256 17.12 -3.46 -22.22
C GLU A 256 15.71 -2.92 -21.95
N ASN A 257 15.54 -2.16 -20.87
CA ASN A 257 14.19 -1.70 -20.52
C ASN A 257 13.61 -0.87 -21.67
N LEU A 258 12.28 -0.85 -21.75
CA LEU A 258 11.61 -0.18 -22.88
C LEU A 258 11.29 1.27 -22.56
N VAL A 259 11.65 2.17 -23.48
CA VAL A 259 11.28 3.58 -23.42
C VAL A 259 9.92 3.75 -24.06
N ILE A 260 8.97 4.33 -23.33
CA ILE A 260 7.65 4.65 -23.88
C ILE A 260 7.52 6.17 -23.89
N ALA A 261 7.24 6.74 -25.07
CA ALA A 261 7.10 8.18 -25.20
C ALA A 261 5.62 8.54 -25.24
N ARG A 262 5.19 9.42 -24.37
CA ARG A 262 3.81 9.84 -24.32
C ARG A 262 3.70 11.32 -24.70
N THR A 263 2.71 11.66 -25.52
CA THR A 263 2.41 13.06 -25.82
C THR A 263 0.98 13.39 -25.42
N ASP A 264 0.80 14.57 -24.82
CA ASP A 264 -0.51 15.12 -24.52
C ASP A 264 -0.79 16.34 -25.36
N SER A 265 -0.14 16.43 -26.52
CA SER A 265 -0.35 17.56 -27.40
C SER A 265 -1.70 17.53 -28.12
N GLU A 266 -2.48 16.47 -27.94
CA GLU A 266 -3.85 16.48 -28.42
C GLU A 266 -4.71 17.47 -27.65
N SER A 267 -4.47 17.63 -26.35
CA SER A 267 -5.23 18.55 -25.53
C SER A 267 -4.40 19.67 -24.91
N GLY A 268 -3.08 19.63 -25.01
CA GLY A 268 -2.24 20.65 -24.41
C GLY A 268 -2.24 21.97 -25.15
N ARG A 269 -2.72 23.04 -24.52
CA ARG A 269 -2.93 24.34 -25.16
C ARG A 269 -1.81 25.33 -24.91
N LEU A 270 -0.79 24.98 -24.12
CA LEU A 270 0.28 25.88 -23.75
C LEU A 270 1.60 25.14 -23.95
N ILE A 271 2.65 25.88 -24.27
CA ILE A 271 3.99 25.33 -24.43
C ILE A 271 4.98 26.23 -23.71
N SER A 272 5.95 25.62 -23.03
CA SER A 272 6.79 26.40 -22.13
C SER A 272 7.96 27.08 -22.83
N ASN A 273 8.21 26.77 -24.10
CA ASN A 273 9.48 27.11 -24.74
C ASN A 273 9.26 27.11 -26.25
N ASN A 274 9.59 28.22 -26.92
CA ASN A 274 9.38 28.35 -28.35
C ASN A 274 10.64 28.08 -29.17
N ILE A 275 11.66 27.45 -28.57
CA ILE A 275 12.96 27.39 -29.24
C ILE A 275 12.99 26.41 -30.40
N ASP A 276 12.10 25.41 -30.43
CA ASP A 276 12.22 24.30 -31.38
C ASP A 276 11.36 24.55 -32.62
N ALA A 277 12.01 24.61 -33.79
CA ALA A 277 11.30 24.91 -35.03
C ALA A 277 10.23 23.87 -35.34
N ARG A 278 10.43 22.63 -34.89
CA ARG A 278 9.44 21.59 -35.09
C ARG A 278 8.12 21.90 -34.41
N ASP A 279 8.07 22.90 -33.52
CA ASP A 279 6.83 23.31 -32.88
C ASP A 279 6.26 24.60 -33.45
N HIS A 280 7.00 25.30 -34.30
CA HIS A 280 6.61 26.66 -34.66
C HIS A 280 5.27 26.70 -35.39
N GLU A 281 4.95 25.70 -36.20
CA GLU A 281 3.70 25.72 -36.96
C GLU A 281 2.45 25.64 -36.07
N PHE A 282 2.59 25.29 -34.78
CA PHE A 282 1.45 25.22 -33.88
C PHE A 282 1.37 26.37 -32.88
N ILE A 283 2.38 27.21 -32.79
CA ILE A 283 2.35 28.29 -31.82
C ILE A 283 1.52 29.43 -32.38
N LEU A 284 0.65 29.97 -31.54
CA LEU A 284 -0.33 30.99 -31.92
C LEU A 284 0.17 32.38 -31.55
N GLY A 285 -0.17 33.37 -32.39
CA GLY A 285 0.20 34.74 -32.12
C GLY A 285 -0.89 35.70 -32.56
N VAL A 286 -0.69 36.97 -32.25
CA VAL A 286 -1.67 38.00 -32.57
C VAL A 286 -1.34 38.60 -33.93
N THR A 287 -2.36 39.19 -34.55
CA THR A 287 -2.18 40.01 -35.73
C THR A 287 -2.55 41.46 -35.51
N ASP A 288 -3.17 41.79 -34.37
CA ASP A 288 -3.60 43.14 -34.04
C ASP A 288 -2.42 43.95 -33.50
N PRO A 289 -1.92 44.93 -34.25
CA PRO A 289 -0.78 45.73 -33.76
C PRO A 289 -1.11 46.63 -32.60
N SER A 290 -2.39 46.86 -32.28
CA SER A 290 -2.76 47.69 -31.14
C SER A 290 -2.76 46.93 -29.83
N ALA A 291 -2.32 45.67 -29.83
CA ALA A 291 -2.30 44.85 -28.63
C ALA A 291 -0.96 45.02 -27.93
N ALA A 292 -1.00 45.42 -26.66
CA ALA A 292 0.26 45.53 -25.93
C ALA A 292 0.47 44.30 -25.05
N PRO A 293 1.74 43.83 -24.97
CA PRO A 293 2.05 42.60 -24.23
C PRO A 293 1.22 42.41 -22.97
N LEU A 294 0.51 41.28 -22.92
CA LEU A 294 -0.44 41.03 -21.84
C LEU A 294 0.25 40.86 -20.49
N ALA A 295 1.32 40.09 -20.44
CA ALA A 295 1.96 39.82 -19.15
C ALA A 295 2.45 41.11 -18.50
N GLY A 296 3.01 42.02 -19.30
CA GLY A 296 3.43 43.30 -18.76
C GLY A 296 2.29 44.08 -18.13
N THR A 297 1.18 44.21 -18.86
CA THR A 297 -0.01 44.86 -18.33
C THR A 297 -0.45 44.23 -17.01
N LEU A 298 -0.41 42.90 -16.92
CA LEU A 298 -0.92 42.23 -15.73
C LEU A 298 -0.03 42.48 -14.53
N GLN A 299 1.29 42.54 -14.73
CA GLN A 299 2.16 42.84 -13.60
C GLN A 299 2.04 44.30 -13.18
N ASN A 300 2.02 45.21 -14.16
CA ASN A 300 1.75 46.62 -13.84
C ASN A 300 0.46 46.78 -13.05
N MET A 301 -0.60 46.07 -13.46
CA MET A 301 -1.86 46.13 -12.73
C MET A 301 -1.70 45.64 -11.30
N GLU A 302 -1.01 44.50 -11.12
CA GLU A 302 -0.84 43.97 -9.77
C GLU A 302 0.01 44.90 -8.91
N ALA A 303 0.93 45.64 -9.53
CA ALA A 303 1.75 46.57 -8.77
C ALA A 303 0.92 47.71 -8.18
N ARG A 304 0.02 48.29 -8.98
CA ARG A 304 -0.83 49.37 -8.50
C ARG A 304 -1.97 48.89 -7.60
N GLY A 305 -1.98 47.62 -7.22
CA GLY A 305 -2.92 47.11 -6.25
C GLY A 305 -4.19 46.52 -6.81
N ALA A 306 -4.23 46.23 -8.10
CA ALA A 306 -5.46 45.76 -8.73
C ALA A 306 -5.92 44.43 -8.13
N SER A 307 -7.24 44.25 -8.09
CA SER A 307 -7.83 43.05 -7.52
C SER A 307 -7.51 41.83 -8.38
N ALA A 308 -7.46 40.67 -7.71
CA ALA A 308 -7.27 39.41 -8.43
C ALA A 308 -8.33 39.22 -9.50
N SER A 309 -9.58 39.57 -9.20
CA SER A 309 -10.65 39.48 -10.19
C SER A 309 -10.44 40.48 -11.32
N GLU A 310 -9.94 41.68 -10.99
CA GLU A 310 -9.71 42.69 -12.01
C GLU A 310 -8.64 42.23 -13.00
N ILE A 311 -7.62 41.53 -12.51
CA ILE A 311 -6.60 40.96 -13.40
C ILE A 311 -7.22 39.85 -14.25
N ASP A 312 -8.00 38.97 -13.62
CA ASP A 312 -8.70 37.93 -14.36
C ASP A 312 -9.61 38.52 -15.42
N ALA A 313 -10.31 39.62 -15.09
CA ALA A 313 -11.25 40.23 -16.03
C ALA A 313 -10.52 40.83 -17.22
N TYR A 314 -9.38 41.49 -17.00
CA TYR A 314 -8.64 42.04 -18.13
C TYR A 314 -8.11 40.93 -19.01
N GLU A 315 -7.57 39.88 -18.42
CA GLU A 315 -7.05 38.76 -19.20
C GLU A 315 -8.15 38.13 -20.03
N ALA A 316 -9.36 38.00 -19.46
CA ALA A 316 -10.48 37.48 -20.23
C ALA A 316 -10.82 38.39 -21.40
N ALA A 317 -10.88 39.71 -21.16
CA ALA A 317 -11.19 40.64 -22.23
C ALA A 317 -10.10 40.67 -23.30
N PHE A 318 -8.83 40.55 -22.88
CA PHE A 318 -7.73 40.55 -23.83
C PHE A 318 -7.83 39.37 -24.80
N THR A 319 -8.13 38.18 -24.28
CA THR A 319 -8.28 37.02 -25.15
C THR A 319 -9.43 37.22 -26.12
N ARG A 320 -10.54 37.79 -25.65
CA ARG A 320 -11.68 38.07 -26.52
C ARG A 320 -11.30 39.05 -27.64
N ASP A 321 -10.66 40.16 -27.27
CA ASP A 321 -10.42 41.24 -28.24
C ASP A 321 -9.42 40.85 -29.31
N HIS A 322 -8.49 39.95 -29.02
CA HIS A 322 -7.35 39.70 -29.90
C HIS A 322 -7.24 38.22 -30.23
N PRO A 323 -7.84 37.79 -31.33
CA PRO A 323 -7.85 36.35 -31.66
C PRO A 323 -6.48 35.88 -32.16
N LEU A 324 -6.17 34.61 -31.87
CA LEU A 324 -4.86 34.03 -32.14
C LEU A 324 -4.91 33.08 -33.33
N VAL A 325 -3.87 33.14 -34.18
CA VAL A 325 -3.78 32.32 -35.37
C VAL A 325 -2.33 31.89 -35.55
N THR A 326 -2.12 30.91 -36.43
CA THR A 326 -0.75 30.53 -36.74
C THR A 326 -0.16 31.50 -37.76
N PHE A 327 1.16 31.57 -37.80
CA PHE A 327 1.80 32.46 -38.77
C PHE A 327 1.46 32.05 -40.20
N ASP A 328 1.42 30.74 -40.46
CA ASP A 328 0.97 30.27 -41.76
C ASP A 328 -0.39 30.87 -42.11
N GLU A 329 -1.32 30.86 -41.16
CA GLU A 329 -2.65 31.42 -41.39
C GLU A 329 -2.58 32.92 -41.66
N ALA A 330 -1.79 33.64 -40.87
CA ALA A 330 -1.69 35.09 -41.05
C ALA A 330 -1.05 35.42 -42.39
N ALA A 331 -0.07 34.62 -42.82
CA ALA A 331 0.62 34.91 -44.07
C ALA A 331 -0.31 34.73 -45.27
N VAL A 332 -1.02 33.60 -45.33
CA VAL A 332 -1.91 33.35 -46.46
C VAL A 332 -3.05 34.36 -46.47
N SER A 333 -3.55 34.75 -45.30
CA SER A 333 -4.58 35.78 -45.25
C SER A 333 -4.05 37.11 -45.74
N HIS A 334 -2.81 37.44 -45.39
CA HIS A 334 -2.20 38.68 -45.84
C HIS A 334 -1.99 38.69 -47.35
N MET A 335 -1.64 37.53 -47.92
CA MET A 335 -1.32 37.46 -49.34
C MET A 335 -2.57 37.59 -50.20
N LYS A 336 -3.62 36.82 -49.87
CA LYS A 336 -4.88 36.94 -50.60
C LYS A 336 -5.49 38.33 -50.41
N LYS A 337 -5.28 38.93 -49.23
CA LYS A 337 -5.78 40.28 -49.00
C LYS A 337 -5.09 41.28 -49.92
N HIS A 338 -3.79 41.13 -50.13
CA HIS A 338 -3.02 42.00 -51.00
C HIS A 338 -2.86 41.46 -52.40
N ASN A 339 -3.73 40.53 -52.80
CA ASN A 339 -3.81 40.07 -54.19
C ASN A 339 -2.55 39.36 -54.64
N VAL A 340 -2.01 38.50 -53.79
CA VAL A 340 -0.82 37.73 -54.09
C VAL A 340 -1.16 36.25 -53.97
N ASP A 341 -0.75 35.47 -54.95
CA ASP A 341 -0.96 34.03 -54.92
C ASP A 341 -0.18 33.42 -53.76
N PRO A 342 -0.82 32.68 -52.86
CA PRO A 342 -0.10 32.04 -51.75
C PRO A 342 0.50 30.67 -52.05
N ALA A 343 0.36 30.18 -53.29
CA ALA A 343 0.73 28.79 -53.58
C ALA A 343 2.22 28.53 -53.32
N GLU A 344 3.08 29.50 -53.65
CA GLU A 344 4.50 29.34 -53.41
C GLU A 344 4.79 29.14 -51.92
N TYR A 345 4.17 29.98 -51.07
CA TYR A 345 4.33 29.82 -49.63
C TYR A 345 3.80 28.47 -49.18
N GLU A 346 2.56 28.15 -49.58
CA GLU A 346 1.92 26.91 -49.13
C GLU A 346 2.74 25.70 -49.54
N ALA A 347 3.35 25.72 -50.73
CA ALA A 347 4.18 24.60 -51.14
C ALA A 347 5.42 24.48 -50.26
N GLY A 348 6.03 25.62 -49.89
CA GLY A 348 7.23 25.57 -49.07
C GLY A 348 6.98 25.03 -47.68
N VAL A 349 5.91 25.49 -47.03
CA VAL A 349 5.60 24.99 -45.70
C VAL A 349 5.14 23.54 -45.76
N ALA A 350 4.46 23.14 -46.84
CA ALA A 350 4.10 21.74 -46.98
C ALA A 350 5.34 20.88 -47.20
N LYS A 351 6.32 21.41 -47.94
CA LYS A 351 7.55 20.68 -48.18
C LYS A 351 8.40 20.61 -46.92
N ASP A 352 8.39 21.67 -46.12
CA ASP A 352 9.14 21.73 -44.86
C ASP A 352 8.18 22.08 -43.73
N ARG A 353 7.61 21.04 -43.14
CA ARG A 353 6.74 21.16 -41.96
C ARG A 353 7.44 21.84 -40.79
N ASP A 354 8.76 21.66 -40.67
CA ASP A 354 9.52 22.16 -39.53
C ASP A 354 10.23 23.48 -39.84
N MET A 355 9.81 24.19 -40.89
CA MET A 355 10.44 25.46 -41.20
C MET A 355 10.27 26.43 -40.03
N SER A 356 11.36 27.07 -39.65
CA SER A 356 11.34 28.01 -38.55
C SER A 356 10.46 29.21 -38.88
N ILE A 357 10.03 29.91 -37.82
CA ILE A 357 9.27 31.14 -38.01
C ILE A 357 10.11 32.18 -38.76
N TRP A 358 11.42 32.18 -38.51
CA TRP A 358 12.31 33.12 -39.20
C TRP A 358 12.33 32.85 -40.71
N ASP A 359 12.42 31.58 -41.10
CA ASP A 359 12.45 31.24 -42.51
C ASP A 359 11.07 31.37 -43.15
N ARG A 360 9.99 31.16 -42.38
CA ARG A 360 8.66 31.40 -42.92
C ARG A 360 8.45 32.87 -43.25
N ARG A 361 8.85 33.77 -42.34
CA ARG A 361 8.72 35.20 -42.61
C ARG A 361 9.56 35.60 -43.83
N ALA A 362 10.74 35.00 -43.97
CA ALA A 362 11.57 35.24 -45.14
C ALA A 362 10.87 34.80 -46.42
N LEU A 363 10.25 33.62 -46.39
CA LEU A 363 9.54 33.14 -47.57
C LEU A 363 8.36 34.03 -47.91
N ALA A 364 7.66 34.52 -46.87
CA ALA A 364 6.48 35.34 -47.13
C ALA A 364 6.84 36.68 -47.76
N LYS A 365 7.91 37.32 -47.28
CA LYS A 365 8.24 38.65 -47.78
C LYS A 365 8.71 38.60 -49.23
N ASP A 366 9.46 37.56 -49.60
CA ASP A 366 9.86 37.41 -51.00
C ASP A 366 8.65 37.31 -51.91
N ILE A 367 7.64 36.53 -51.49
CA ILE A 367 6.42 36.40 -52.28
C ILE A 367 5.68 37.72 -52.34
N LEU A 368 5.65 38.45 -51.22
CA LEU A 368 4.97 39.75 -51.21
C LEU A 368 5.75 40.78 -52.01
N GLY A 369 7.06 40.82 -51.87
CA GLY A 369 7.86 41.80 -52.57
C GLY A 369 7.94 43.12 -51.83
N ALA A 370 8.61 44.08 -52.47
CA ALA A 370 8.90 45.36 -51.82
C ALA A 370 7.66 46.23 -51.70
N ASP A 371 6.79 46.22 -52.72
CA ASP A 371 5.65 47.13 -52.72
C ASP A 371 4.65 46.80 -51.62
N LYS A 372 4.46 45.52 -51.34
CA LYS A 372 3.45 45.13 -50.36
C LYS A 372 4.00 45.17 -48.94
N PRO A 373 3.15 45.49 -47.97
CA PRO A 373 3.59 45.48 -46.57
C PRO A 373 3.79 44.07 -46.05
N ASP A 374 4.53 43.96 -44.95
CA ASP A 374 4.92 42.67 -44.41
C ASP A 374 3.88 42.14 -43.43
N VAL A 375 3.85 40.82 -43.28
CA VAL A 375 2.91 40.17 -42.37
C VAL A 375 3.22 40.61 -40.95
N TYR A 376 2.20 41.05 -40.24
CA TYR A 376 2.31 41.32 -38.81
C TYR A 376 1.82 40.11 -38.04
N TRP A 377 2.65 39.62 -37.11
CA TRP A 377 2.33 38.47 -36.28
C TRP A 377 3.28 38.39 -35.10
N ASP A 378 2.75 38.27 -33.88
CA ASP A 378 3.56 38.33 -32.67
C ASP A 378 3.08 37.27 -31.68
N TRP A 379 3.89 36.23 -31.47
CA TRP A 379 3.55 35.20 -30.49
C TRP A 379 3.95 35.58 -29.06
N ASP A 380 4.73 36.65 -28.89
CA ASP A 380 5.14 37.05 -27.55
C ASP A 380 4.06 37.85 -26.85
N VAL A 381 3.37 38.74 -27.57
CA VAL A 381 2.34 39.61 -27.00
C VAL A 381 1.32 38.84 -26.17
N PRO A 382 0.77 37.71 -26.61
CA PRO A 382 -0.27 37.03 -25.83
C PRO A 382 0.21 36.03 -24.77
N ARG A 383 1.52 35.92 -24.50
CA ARG A 383 2.01 34.95 -23.52
C ARG A 383 1.35 35.11 -22.16
N THR A 384 1.19 33.98 -21.46
CA THR A 384 0.64 33.96 -20.11
C THR A 384 1.57 34.68 -19.13
N ARG A 385 1.07 34.84 -17.89
CA ARG A 385 1.85 35.47 -16.82
C ARG A 385 3.15 34.73 -16.56
N GLU A 386 3.10 33.40 -16.65
CA GLU A 386 4.27 32.54 -16.46
C GLU A 386 5.23 32.64 -17.62
N GLY A 387 4.81 33.22 -18.74
CA GLY A 387 5.61 33.23 -19.93
C GLY A 387 5.36 32.08 -20.88
N TYR A 388 4.27 31.34 -20.70
CA TYR A 388 3.95 30.24 -21.62
C TYR A 388 3.37 30.78 -22.92
N TYR A 389 3.64 30.07 -24.01
CA TYR A 389 3.11 30.39 -25.34
C TYR A 389 1.85 29.58 -25.61
N HIS A 390 1.01 30.11 -26.50
CA HIS A 390 -0.23 29.42 -26.84
C HIS A 390 0.01 28.44 -27.99
N PHE A 391 -0.63 27.27 -27.89
CA PHE A 391 -0.31 26.11 -28.72
C PHE A 391 -1.59 25.54 -29.30
N ARG A 392 -1.60 25.26 -30.60
CA ARG A 392 -2.79 24.70 -31.23
C ARG A 392 -2.79 23.18 -31.05
N SER A 393 -3.47 22.73 -30.01
CA SER A 393 -3.53 21.32 -29.70
C SER A 393 -4.37 20.57 -30.73
N GLY A 394 -4.17 19.27 -30.79
CA GLY A 394 -4.98 18.43 -31.65
C GLY A 394 -4.16 17.27 -32.21
N MET A 395 -4.84 16.45 -33.01
CA MET A 395 -4.19 15.26 -33.54
C MET A 395 -3.17 15.59 -34.62
N ARG A 396 -3.24 16.78 -35.21
CA ARG A 396 -2.16 17.19 -36.10
C ARG A 396 -0.84 17.34 -35.32
N ALA A 397 -0.87 18.06 -34.20
CA ALA A 397 0.32 18.19 -33.37
C ALA A 397 0.72 16.84 -32.77
N ALA A 398 -0.25 16.07 -32.30
CA ALA A 398 0.06 14.82 -31.60
C ALA A 398 0.65 13.78 -32.55
N THR A 399 0.15 13.72 -33.79
CA THR A 399 0.70 12.75 -34.74
C THR A 399 2.13 13.14 -35.11
N LYS A 400 2.37 14.43 -35.32
CA LYS A 400 3.71 14.91 -35.64
C LYS A 400 4.70 14.62 -34.51
N ARG A 401 4.29 14.85 -33.26
CA ARG A 401 5.18 14.55 -32.13
C ARG A 401 5.40 13.05 -31.98
N ALA A 402 4.36 12.24 -32.25
CA ALA A 402 4.54 10.80 -32.20
C ALA A 402 5.59 10.37 -33.21
N LEU A 403 5.55 10.93 -34.43
CA LEU A 403 6.57 10.58 -35.40
C LEU A 403 7.94 11.12 -35.01
N ALA A 404 7.97 12.29 -34.37
CA ALA A 404 9.26 12.85 -33.93
C ALA A 404 9.88 12.00 -32.83
N PHE A 405 9.05 11.40 -31.98
CA PHE A 405 9.56 10.61 -30.86
C PHE A 405 9.88 9.19 -31.26
N ALA A 406 9.37 8.73 -32.40
CA ALA A 406 9.48 7.32 -32.79
C ALA A 406 10.91 6.76 -32.81
N PRO A 407 11.93 7.45 -33.34
CA PRO A 407 13.28 6.86 -33.33
C PRO A 407 13.91 6.79 -31.95
N TYR A 408 13.28 7.36 -30.94
CA TYR A 408 13.83 7.39 -29.59
C TYR A 408 13.05 6.53 -28.61
N ALA A 409 12.03 5.82 -29.07
CA ALA A 409 11.10 5.16 -28.16
C ALA A 409 10.75 3.78 -28.69
N ASP A 410 10.50 2.86 -27.77
CA ASP A 410 10.07 1.53 -28.15
C ASP A 410 8.56 1.41 -28.30
N LEU A 411 7.78 2.26 -27.64
CA LEU A 411 6.35 2.34 -27.84
C LEU A 411 5.95 3.80 -27.82
N LEU A 412 4.86 4.11 -28.53
CA LEU A 412 4.33 5.46 -28.61
C LEU A 412 2.96 5.51 -27.96
N TRP A 413 2.76 6.48 -27.09
CA TRP A 413 1.52 6.65 -26.35
C TRP A 413 0.98 8.04 -26.68
N VAL A 414 -0.07 8.08 -27.50
CA VAL A 414 -0.71 9.33 -27.89
C VAL A 414 -2.08 9.39 -27.22
N GLU A 415 -2.28 10.38 -26.35
CA GLU A 415 -3.64 10.66 -25.89
C GLU A 415 -4.46 11.19 -27.07
N THR A 416 -5.62 10.57 -27.32
CA THR A 416 -6.42 10.92 -28.50
C THR A 416 -7.78 11.53 -28.18
N GLY A 417 -8.10 11.75 -26.91
CA GLY A 417 -9.43 12.20 -26.53
C GLY A 417 -10.35 11.03 -26.25
N ASP A 418 -11.64 11.30 -26.34
CA ASP A 418 -12.65 10.28 -26.05
C ASP A 418 -12.48 9.08 -26.97
N PRO A 419 -12.76 7.87 -26.49
CA PRO A 419 -12.45 6.66 -27.26
C PRO A 419 -13.20 6.62 -28.59
N SER A 420 -12.45 6.40 -29.66
CA SER A 420 -13.00 6.35 -31.00
C SER A 420 -12.14 5.40 -31.81
N VAL A 421 -12.76 4.35 -32.34
CA VAL A 421 -12.02 3.49 -33.25
C VAL A 421 -11.56 4.28 -34.45
N SER A 422 -12.35 5.29 -34.84
CA SER A 422 -12.03 6.09 -36.02
C SER A 422 -10.73 6.86 -35.84
N VAL A 423 -10.62 7.62 -34.74
CA VAL A 423 -9.41 8.37 -34.45
C VAL A 423 -8.22 7.42 -34.32
N CYS A 424 -8.41 6.29 -33.64
CA CYS A 424 -7.32 5.33 -33.49
C CYS A 424 -6.84 4.81 -34.84
N ARG A 425 -7.78 4.46 -35.73
CA ARG A 425 -7.40 3.96 -37.05
C ARG A 425 -6.55 4.98 -37.80
N GLN A 426 -6.95 6.24 -37.77
CA GLN A 426 -6.18 7.26 -38.47
C GLN A 426 -4.76 7.36 -37.91
N LEU A 427 -4.64 7.47 -36.59
CA LEU A 427 -3.31 7.56 -35.99
C LEU A 427 -2.47 6.32 -36.30
N GLY A 428 -3.05 5.14 -36.11
CA GLY A 428 -2.32 3.90 -36.39
C GLY A 428 -1.76 3.83 -37.80
N ARG A 429 -2.55 4.27 -38.78
CA ARG A 429 -2.05 4.21 -40.16
C ARG A 429 -0.99 5.28 -40.40
N ALA A 430 -1.17 6.47 -39.83
CA ALA A 430 -0.16 7.51 -39.97
C ALA A 430 1.18 7.05 -39.41
N VAL A 431 1.17 6.35 -38.27
CA VAL A 431 2.44 5.89 -37.71
C VAL A 431 2.99 4.71 -38.51
N LYS A 432 2.12 3.78 -38.90
CA LYS A 432 2.57 2.59 -39.60
C LYS A 432 3.22 2.94 -40.94
N GLU A 433 2.74 4.00 -41.60
CA GLU A 433 3.30 4.35 -42.89
C GLU A 433 4.71 4.92 -42.73
N ALA A 434 5.02 5.54 -41.59
CA ALA A 434 6.36 6.05 -41.34
C ALA A 434 7.23 5.05 -40.57
N TYR A 435 6.63 4.31 -39.62
CA TYR A 435 7.38 3.36 -38.81
C TYR A 435 6.54 2.10 -38.67
N PRO A 436 6.60 1.20 -39.65
CA PRO A 436 5.67 0.05 -39.68
C PRO A 436 5.84 -0.92 -38.53
N GLU A 437 6.91 -0.82 -37.76
CA GLU A 437 7.12 -1.76 -36.67
C GLU A 437 6.82 -1.18 -35.29
N LYS A 438 6.52 0.11 -35.18
CA LYS A 438 6.27 0.73 -33.88
C LYS A 438 4.94 0.32 -33.31
N ALA A 439 4.95 -0.18 -32.07
CA ALA A 439 3.71 -0.45 -31.36
C ALA A 439 3.22 0.81 -30.64
N LEU A 440 1.91 0.90 -30.45
CA LEU A 440 1.27 2.01 -29.78
C LEU A 440 0.62 1.54 -28.47
N VAL A 441 0.40 2.50 -27.57
CA VAL A 441 -0.26 2.26 -26.30
C VAL A 441 -1.58 3.01 -26.29
N TYR A 442 -2.61 2.42 -25.68
CA TYR A 442 -3.86 3.13 -25.51
C TYR A 442 -4.23 3.19 -24.04
N ASN A 443 -4.64 4.38 -23.59
CA ASN A 443 -5.07 4.62 -22.22
C ASN A 443 -6.59 4.54 -22.19
N LEU A 444 -7.12 3.43 -21.66
CA LEU A 444 -8.56 3.19 -21.61
C LEU A 444 -9.17 3.95 -20.43
N SER A 445 -10.06 4.91 -20.72
CA SER A 445 -10.63 5.77 -19.70
C SER A 445 -11.53 4.98 -18.75
N PRO A 446 -11.37 5.13 -17.43
CA PRO A 446 -12.29 4.50 -16.48
C PRO A 446 -13.58 5.27 -16.24
N SER A 447 -13.64 6.54 -16.66
CA SER A 447 -14.75 7.42 -16.31
C SER A 447 -15.63 7.78 -17.50
N PHE A 448 -15.29 7.35 -18.71
CA PHE A 448 -16.01 7.78 -19.88
C PHE A 448 -17.38 7.08 -19.98
N ASN A 449 -18.38 7.82 -20.45
CA ASN A 449 -19.73 7.28 -20.59
C ASN A 449 -19.86 6.60 -21.94
N TRP A 450 -19.41 5.34 -21.97
CA TRP A 450 -19.38 4.57 -23.21
C TRP A 450 -20.76 4.45 -23.83
N MET A 451 -21.74 3.96 -23.06
CA MET A 451 -23.07 3.73 -23.61
C MET A 451 -23.73 5.04 -24.03
N GLY A 452 -23.48 6.12 -23.28
CA GLY A 452 -24.09 7.39 -23.60
C GLY A 452 -23.48 8.11 -24.79
N HIS A 453 -22.33 7.65 -25.27
CA HIS A 453 -21.66 8.26 -26.40
C HIS A 453 -21.54 7.29 -27.56
N GLY A 454 -22.62 6.56 -27.83
CA GLY A 454 -22.77 5.82 -29.07
C GLY A 454 -22.46 4.34 -29.00
N PHE A 455 -21.86 3.84 -27.93
CA PHE A 455 -21.49 2.43 -27.90
C PHE A 455 -22.67 1.54 -27.50
N THR A 456 -22.69 0.35 -28.08
CA THR A 456 -23.58 -0.72 -27.66
C THR A 456 -22.80 -1.70 -26.81
N GLU A 457 -23.50 -2.65 -26.20
CA GLU A 457 -22.79 -3.66 -25.42
C GLU A 457 -21.80 -4.40 -26.31
N GLN A 458 -22.15 -4.63 -27.58
CA GLN A 458 -21.28 -5.34 -28.49
C GLN A 458 -20.04 -4.52 -28.85
N THR A 459 -20.23 -3.23 -29.09
CA THR A 459 -19.08 -2.43 -29.50
C THR A 459 -18.27 -1.93 -28.32
N LEU A 460 -18.89 -1.83 -27.13
CA LEU A 460 -18.13 -1.63 -25.91
C LEU A 460 -17.18 -2.81 -25.67
N LYS A 461 -17.69 -4.03 -25.84
CA LYS A 461 -16.87 -5.22 -25.69
C LYS A 461 -15.75 -5.30 -26.73
N SER A 462 -16.04 -4.98 -27.99
CA SER A 462 -15.00 -5.23 -28.99
C SER A 462 -13.96 -4.11 -29.08
N PHE A 463 -14.21 -2.97 -28.42
CA PHE A 463 -13.34 -1.79 -28.60
C PHE A 463 -11.86 -2.14 -28.48
N ILE A 464 -11.49 -2.81 -27.37
CA ILE A 464 -10.09 -3.18 -27.15
C ILE A 464 -9.56 -3.98 -28.33
N TRP A 465 -10.34 -4.96 -28.80
CA TRP A 465 -9.88 -5.78 -29.91
C TRP A 465 -9.94 -5.02 -31.24
N ASP A 466 -10.86 -4.05 -31.36
CA ASP A 466 -10.92 -3.27 -32.60
C ASP A 466 -9.68 -2.43 -32.79
N ILE A 467 -9.19 -1.78 -31.72
CA ILE A 467 -8.03 -0.93 -31.90
C ILE A 467 -6.73 -1.72 -31.83
N ALA A 468 -6.74 -2.90 -31.20
CA ALA A 468 -5.54 -3.72 -31.26
C ALA A 468 -5.20 -4.12 -32.70
N LYS A 469 -6.22 -4.29 -33.54
CA LYS A 469 -5.96 -4.56 -34.96
C LYS A 469 -5.29 -3.39 -35.66
N GLU A 470 -5.39 -2.19 -35.11
CA GLU A 470 -4.80 -1.01 -35.73
C GLU A 470 -3.43 -0.66 -35.14
N GLY A 471 -2.86 -1.56 -34.33
CA GLY A 471 -1.52 -1.38 -33.81
C GLY A 471 -1.43 -0.97 -32.35
N PHE A 472 -2.56 -0.82 -31.66
CA PHE A 472 -2.56 -0.43 -30.25
C PHE A 472 -2.40 -1.70 -29.42
N VAL A 473 -1.14 -2.11 -29.26
CA VAL A 473 -0.85 -3.44 -28.72
C VAL A 473 -0.99 -3.45 -27.20
N LEU A 474 -0.53 -2.40 -26.53
CA LEU A 474 -0.55 -2.33 -25.07
C LEU A 474 -1.70 -1.40 -24.67
N GLN A 475 -2.59 -1.88 -23.80
CA GLN A 475 -3.76 -1.11 -23.44
C GLN A 475 -3.94 -1.20 -21.94
N LEU A 476 -4.35 -0.11 -21.31
CA LEU A 476 -4.39 -0.13 -19.85
C LEU A 476 -5.52 0.74 -19.30
N VAL A 477 -6.19 0.22 -18.28
CA VAL A 477 -7.11 0.99 -17.46
C VAL A 477 -6.30 1.48 -16.27
N SER A 478 -5.84 2.73 -16.33
CA SER A 478 -4.87 3.23 -15.37
C SER A 478 -5.36 3.09 -13.92
N LEU A 479 -6.55 3.58 -13.63
CA LEU A 479 -6.98 3.65 -12.22
C LEU A 479 -7.86 2.47 -11.81
N ALA A 480 -7.80 1.35 -12.53
CA ALA A 480 -8.75 0.25 -12.26
C ALA A 480 -8.71 -0.18 -10.80
N GLY A 481 -7.51 -0.37 -10.26
CA GLY A 481 -7.37 -0.87 -8.89
C GLY A 481 -7.79 0.11 -7.82
N VAL A 482 -7.75 1.41 -8.11
CA VAL A 482 -8.33 2.41 -7.22
C VAL A 482 -9.84 2.21 -7.15
N HIS A 483 -10.48 2.10 -8.31
CA HIS A 483 -11.95 2.08 -8.36
C HIS A 483 -12.53 0.77 -7.81
N THR A 484 -11.92 -0.38 -8.12
CA THR A 484 -12.45 -1.63 -7.58
C THR A 484 -12.37 -1.63 -6.06
N ASN A 485 -11.24 -1.14 -5.53
CA ASN A 485 -11.00 -1.12 -4.09
C ASN A 485 -11.98 -0.17 -3.40
N ALA A 486 -12.16 1.03 -3.97
CA ALA A 486 -13.09 1.99 -3.37
C ALA A 486 -14.52 1.44 -3.33
N THR A 487 -14.95 0.83 -4.44
CA THR A 487 -16.33 0.36 -4.53
C THR A 487 -16.59 -0.78 -3.56
N ALA A 488 -15.65 -1.72 -3.45
CA ALA A 488 -15.84 -2.85 -2.56
C ALA A 488 -15.94 -2.41 -1.10
N THR A 489 -15.07 -1.47 -0.70
CA THR A 489 -15.08 -1.00 0.69
C THR A 489 -16.30 -0.14 0.97
N CYS A 490 -16.70 0.71 0.02
CA CYS A 490 -17.92 1.51 0.16
C CYS A 490 -19.13 0.62 0.46
N GLU A 491 -19.32 -0.43 -0.35
CA GLU A 491 -20.45 -1.34 -0.16
C GLU A 491 -20.40 -2.01 1.22
N LEU A 492 -19.23 -2.53 1.60
CA LEU A 492 -19.14 -3.21 2.89
C LEU A 492 -19.30 -2.25 4.06
N ALA A 493 -18.68 -1.07 4.00
CA ALA A 493 -18.67 -0.17 5.15
C ALA A 493 -20.08 0.24 5.54
N ARG A 494 -20.89 0.68 4.56
CA ARG A 494 -22.28 1.05 4.82
C ARG A 494 -23.05 -0.09 5.47
N ALA A 495 -22.90 -1.31 4.96
CA ALA A 495 -23.71 -2.43 5.41
C ALA A 495 -23.25 -2.95 6.77
N PHE A 496 -21.94 -2.94 7.01
CA PHE A 496 -21.38 -3.46 8.26
C PHE A 496 -21.85 -2.63 9.46
N LYS A 497 -22.06 -1.33 9.26
CA LYS A 497 -22.51 -0.48 10.36
C LYS A 497 -23.81 -1.00 10.97
N ASP A 498 -24.76 -1.44 10.14
CA ASP A 498 -26.07 -1.86 10.63
C ASP A 498 -26.27 -3.37 10.70
N GLU A 499 -25.55 -4.14 9.89
CA GLU A 499 -25.77 -5.59 9.80
C GLU A 499 -24.60 -6.40 10.33
N GLY A 500 -23.49 -5.76 10.68
CA GLY A 500 -22.43 -6.47 11.36
C GLY A 500 -21.89 -7.64 10.55
N MET A 501 -21.66 -8.76 11.24
CA MET A 501 -21.05 -9.90 10.57
C MET A 501 -21.96 -10.52 9.51
N LEU A 502 -23.28 -10.25 9.55
CA LEU A 502 -24.13 -10.73 8.46
C LEU A 502 -23.75 -10.06 7.14
N ALA A 503 -23.46 -8.76 7.18
CA ALA A 503 -22.98 -8.07 5.99
C ALA A 503 -21.63 -8.60 5.55
N TYR A 504 -20.72 -8.84 6.51
CA TYR A 504 -19.40 -9.35 6.10
C TYR A 504 -19.53 -10.70 5.41
N VAL A 505 -20.32 -11.62 5.99
CA VAL A 505 -20.46 -12.94 5.39
C VAL A 505 -21.13 -12.85 4.01
N ASN A 506 -22.22 -12.07 3.91
CA ASN A 506 -22.96 -11.98 2.67
C ASN A 506 -22.14 -11.33 1.56
N LEU A 507 -21.49 -10.21 1.88
CA LEU A 507 -20.85 -9.38 0.85
C LEU A 507 -19.42 -9.80 0.56
N VAL A 508 -18.77 -10.52 1.48
CA VAL A 508 -17.36 -10.83 1.30
C VAL A 508 -17.15 -12.33 1.32
N GLN A 509 -17.34 -12.97 2.48
CA GLN A 509 -16.96 -14.37 2.64
C GLN A 509 -17.70 -15.25 1.62
N ARG A 510 -19.01 -15.09 1.51
CA ARG A 510 -19.78 -15.91 0.58
C ARG A 510 -19.34 -15.69 -0.86
N LYS A 511 -19.13 -14.43 -1.26
CA LYS A 511 -18.74 -14.15 -2.63
C LYS A 511 -17.34 -14.65 -2.92
N GLU A 512 -16.41 -14.42 -1.99
CA GLU A 512 -15.04 -14.90 -2.15
C GLU A 512 -15.01 -16.40 -2.39
N LYS A 513 -15.83 -17.15 -1.66
CA LYS A 513 -15.92 -18.59 -1.85
C LYS A 513 -16.53 -18.92 -3.22
N GLU A 514 -17.61 -18.22 -3.60
CA GLU A 514 -18.31 -18.57 -4.83
C GLU A 514 -17.40 -18.47 -6.05
N ILE A 515 -16.68 -17.36 -6.18
CA ILE A 515 -15.84 -17.16 -7.36
C ILE A 515 -14.50 -17.88 -7.26
N GLY A 516 -14.20 -18.50 -6.13
CA GLY A 516 -12.94 -19.21 -6.01
C GLY A 516 -11.71 -18.33 -5.89
N CYS A 517 -11.81 -17.25 -5.12
CA CYS A 517 -10.66 -16.39 -4.87
C CYS A 517 -9.72 -17.05 -3.87
N ASP A 518 -8.46 -17.23 -4.26
CA ASP A 518 -7.56 -18.02 -3.43
C ASP A 518 -7.10 -17.30 -2.17
N VAL A 519 -7.46 -16.02 -1.99
CA VAL A 519 -7.14 -15.33 -0.74
C VAL A 519 -8.04 -15.80 0.41
N LEU A 520 -9.13 -16.50 0.09
CA LEU A 520 -10.04 -17.02 1.11
C LEU A 520 -9.30 -17.80 2.19
N THR A 521 -8.37 -18.68 1.79
CA THR A 521 -7.45 -19.32 2.72
C THR A 521 -6.22 -18.44 2.77
N HIS A 522 -6.26 -17.41 3.63
CA HIS A 522 -5.28 -16.34 3.59
C HIS A 522 -3.91 -16.81 4.05
N GLN A 523 -3.85 -17.71 5.02
CA GLN A 523 -2.55 -18.19 5.50
C GLN A 523 -1.76 -18.85 4.37
N LYS A 524 -2.39 -19.80 3.67
CA LYS A 524 -1.75 -20.44 2.53
C LYS A 524 -1.46 -19.43 1.42
N TRP A 525 -2.42 -18.54 1.15
CA TRP A 525 -2.19 -17.55 0.10
C TRP A 525 -0.94 -16.72 0.38
N SER A 526 -0.72 -16.35 1.65
CA SER A 526 0.41 -15.49 1.98
C SER A 526 1.75 -16.20 1.88
N GLY A 527 1.75 -17.53 1.79
CA GLY A 527 2.97 -18.32 1.70
C GLY A 527 3.39 -19.03 2.99
N ALA A 528 2.48 -19.27 3.93
CA ALA A 528 2.84 -19.83 5.22
C ALA A 528 3.53 -21.19 5.07
N ALA A 529 3.02 -22.05 4.17
CA ALA A 529 3.62 -23.37 4.00
C ALA A 529 5.06 -23.25 3.50
N TYR A 530 5.32 -22.26 2.64
CA TYR A 530 6.66 -22.03 2.12
C TYR A 530 7.64 -21.76 3.24
N MET A 531 7.33 -20.80 4.11
CA MET A 531 8.21 -20.47 5.22
C MET A 531 8.33 -21.62 6.20
N ASP A 532 7.26 -22.39 6.39
CA ASP A 532 7.32 -23.53 7.31
C ASP A 532 8.39 -24.52 6.89
N ARG A 533 8.48 -24.82 5.60
CA ARG A 533 9.47 -25.78 5.12
C ARG A 533 10.89 -25.27 5.32
N ILE A 534 11.12 -23.99 5.05
CA ILE A 534 12.47 -23.43 5.20
C ILE A 534 12.93 -23.52 6.66
N VAL A 535 12.06 -23.11 7.58
CA VAL A 535 12.40 -23.20 9.00
C VAL A 535 12.63 -24.65 9.41
N GLY A 536 11.78 -25.57 8.92
CA GLY A 536 11.97 -26.98 9.22
C GLY A 536 13.30 -27.51 8.70
N ALA A 537 13.73 -27.02 7.54
CA ALA A 537 15.03 -27.44 7.00
C ALA A 537 16.18 -26.93 7.86
N ILE A 538 16.06 -25.72 8.41
CA ILE A 538 17.16 -25.14 9.19
C ILE A 538 17.36 -25.91 10.50
N GLN A 539 16.26 -26.31 11.14
CA GLN A 539 16.34 -26.97 12.44
C GLN A 539 16.64 -28.46 12.33
N ALA B 24 16.84 26.72 43.95
CA ALA B 24 17.24 27.07 42.60
C ALA B 24 16.03 27.21 41.67
N ALA B 25 16.17 28.01 40.62
CA ALA B 25 15.09 28.22 39.68
C ALA B 25 14.79 26.94 38.89
N GLU B 26 15.84 26.31 38.35
CA GLU B 26 15.67 25.08 37.60
C GLU B 26 15.05 23.99 38.47
N ASP B 27 15.53 23.85 39.70
CA ASP B 27 14.98 22.83 40.60
C ASP B 27 13.51 23.08 40.88
N ALA B 28 13.11 24.35 40.96
CA ALA B 28 11.70 24.68 41.18
C ALA B 28 10.84 24.25 39.99
N LEU B 29 11.29 24.54 38.77
CA LEU B 29 10.57 24.10 37.58
C LEU B 29 10.39 22.60 37.57
N TYR B 30 11.50 21.86 37.76
CA TYR B 30 11.45 20.40 37.79
C TYR B 30 10.36 19.92 38.73
N GLU B 31 10.30 20.49 39.94
CA GLU B 31 9.27 20.09 40.90
C GLU B 31 7.87 20.41 40.39
N GLN B 32 7.71 21.46 39.60
CA GLN B 32 6.41 21.76 39.04
C GLN B 32 6.01 20.71 38.02
N GLN B 33 6.93 20.37 37.11
CA GLN B 33 6.65 19.33 36.14
C GLN B 33 6.35 18.00 36.81
N VAL B 34 7.08 17.67 37.87
CA VAL B 34 6.77 16.47 38.63
C VAL B 34 5.36 16.54 39.18
N ARG B 35 5.00 17.68 39.77
CA ARG B 35 3.65 17.86 40.27
C ARG B 35 2.61 17.79 39.15
N ASP B 36 2.95 18.28 37.95
CA ASP B 36 2.01 18.21 36.83
C ASP B 36 1.80 16.77 36.37
N VAL B 37 2.86 15.97 36.37
CA VAL B 37 2.74 14.56 36.01
C VAL B 37 1.89 13.83 37.05
N GLU B 38 2.16 14.08 38.34
CA GLU B 38 1.36 13.45 39.39
C GLU B 38 -0.10 13.80 39.26
N ALA B 39 -0.42 15.06 38.97
CA ALA B 39 -1.81 15.46 38.77
C ALA B 39 -2.40 14.80 37.53
N TRP B 40 -1.61 14.70 36.46
CA TRP B 40 -2.03 14.01 35.26
C TRP B 40 -2.43 12.57 35.56
N TRP B 41 -1.60 11.84 36.30
CA TRP B 41 -1.89 10.46 36.63
C TRP B 41 -3.04 10.30 37.60
N ALA B 42 -3.47 11.38 38.26
CA ALA B 42 -4.60 11.31 39.18
C ALA B 42 -5.95 11.59 38.50
N THR B 43 -5.95 11.96 37.21
CA THR B 43 -7.20 12.20 36.50
C THR B 43 -7.96 10.88 36.25
N PRO B 44 -9.27 10.96 35.99
CA PRO B 44 -10.04 9.73 35.75
C PRO B 44 -9.52 8.88 34.61
N ARG B 45 -8.88 9.50 33.61
CA ARG B 45 -8.32 8.74 32.50
C ARG B 45 -7.43 7.58 32.99
N TYR B 46 -6.73 7.76 34.11
CA TYR B 46 -5.83 6.71 34.60
C TYR B 46 -6.32 6.07 35.90
N ALA B 47 -7.61 6.14 36.20
CA ALA B 47 -8.13 5.42 37.36
C ALA B 47 -7.82 3.94 37.26
N GLY B 48 -7.22 3.39 38.31
CA GLY B 48 -6.95 1.98 38.38
C GLY B 48 -5.78 1.49 37.56
N ILE B 49 -4.98 2.39 36.98
CA ILE B 49 -3.79 2.00 36.24
C ILE B 49 -2.60 2.01 37.18
N THR B 50 -1.84 0.93 37.20
CA THR B 50 -0.67 0.79 38.05
C THR B 50 0.58 1.19 37.27
N ARG B 51 1.41 2.03 37.89
CA ARG B 51 2.71 2.42 37.32
C ARG B 51 3.79 2.09 38.33
N PRO B 52 4.71 1.16 38.04
CA PRO B 52 5.76 0.82 39.00
C PRO B 52 6.90 1.82 39.11
N TYR B 53 6.80 2.98 38.46
CA TYR B 53 7.80 4.03 38.50
C TYR B 53 7.18 5.32 39.08
N THR B 54 8.02 6.32 39.31
CA THR B 54 7.58 7.58 39.89
C THR B 54 7.51 8.69 38.84
N ALA B 55 6.83 9.79 39.22
CA ALA B 55 6.79 10.95 38.33
C ALA B 55 8.18 11.54 38.14
N ALA B 56 9.01 11.49 39.19
CA ALA B 56 10.40 11.95 39.07
C ALA B 56 11.18 11.12 38.05
N ASP B 57 11.00 9.79 38.10
CA ASP B 57 11.59 8.92 37.08
C ASP B 57 11.26 9.43 35.67
N VAL B 58 10.00 9.84 35.47
CA VAL B 58 9.54 10.22 34.15
C VAL B 58 10.11 11.57 33.74
N VAL B 59 10.03 12.55 34.65
CA VAL B 59 10.50 13.89 34.32
C VAL B 59 12.00 13.90 34.07
N SER B 60 12.76 13.07 34.81
CA SER B 60 14.20 12.99 34.61
C SER B 60 14.58 12.51 33.22
N ALA B 61 13.69 11.79 32.53
CA ALA B 61 13.97 11.28 31.19
C ALA B 61 13.49 12.21 30.09
N ARG B 62 12.90 13.36 30.44
CA ARG B 62 12.14 14.14 29.46
C ARG B 62 12.95 15.14 28.65
N GLY B 63 14.09 15.63 29.15
CA GLY B 63 14.73 16.74 28.48
C GLY B 63 14.00 18.05 28.73
N SER B 64 14.39 19.08 27.96
CA SER B 64 13.93 20.44 28.25
C SER B 64 12.82 20.92 27.32
N GLN B 65 12.62 20.30 26.16
CA GLN B 65 11.52 20.65 25.27
C GLN B 65 10.47 19.55 25.35
N GLN B 66 9.24 19.92 25.66
CA GLN B 66 8.11 19.03 25.45
C GLN B 66 7.42 19.46 24.16
N GLN B 67 6.92 18.48 23.42
CA GLN B 67 6.12 18.73 22.24
C GLN B 67 4.81 17.97 22.35
N SER B 68 3.84 18.41 21.57
CA SER B 68 2.51 17.83 21.53
C SER B 68 2.38 16.91 20.31
N TYR B 69 1.56 15.87 20.46
CA TYR B 69 1.38 14.89 19.41
C TYR B 69 -0.09 14.77 19.07
N PRO B 70 -0.47 14.88 17.78
CA PRO B 70 -1.87 14.62 17.41
C PRO B 70 -2.40 13.26 17.87
N SER B 71 -1.54 12.23 17.91
CA SER B 71 -2.00 10.92 18.37
C SER B 71 -2.62 11.02 19.76
N SER B 72 -2.16 11.97 20.58
CA SER B 72 -2.68 12.08 21.93
C SER B 72 -4.09 12.66 21.92
N THR B 73 -4.34 13.63 21.04
CA THR B 73 -5.70 14.13 20.85
C THR B 73 -6.62 13.03 20.33
N MET B 74 -6.14 12.21 19.40
CA MET B 74 -6.92 11.08 18.93
C MET B 74 -7.13 10.07 20.06
N ALA B 75 -6.13 9.87 20.91
CA ALA B 75 -6.29 8.93 22.02
C ALA B 75 -7.37 9.39 22.98
N ARG B 76 -7.40 10.70 23.28
CA ARG B 76 -8.46 11.22 24.13
C ARG B 76 -9.82 11.07 23.46
N LYS B 77 -9.88 11.28 22.14
CA LYS B 77 -11.13 11.09 21.40
C LYS B 77 -11.60 9.64 21.47
N LEU B 78 -10.64 8.70 21.33
CA LEU B 78 -10.97 7.29 21.47
C LEU B 78 -11.41 6.94 22.88
N TRP B 79 -10.72 7.47 23.89
CA TRP B 79 -11.08 7.17 25.27
C TRP B 79 -12.51 7.63 25.55
N ASN B 80 -12.84 8.86 25.14
CA ASN B 80 -14.18 9.39 25.37
C ASN B 80 -15.25 8.57 24.64
N LEU B 81 -14.94 8.10 23.43
CA LEU B 81 -15.90 7.30 22.68
C LEU B 81 -16.11 5.94 23.34
N ILE B 82 -15.04 5.31 23.81
CA ILE B 82 -15.16 4.07 24.56
C ILE B 82 -16.04 4.26 25.80
N GLN B 83 -15.76 5.32 26.57
CA GLN B 83 -16.55 5.55 27.78
C GLN B 83 -18.03 5.71 27.45
N GLU B 84 -18.35 6.46 26.40
CA GLU B 84 -19.75 6.67 26.02
C GLU B 84 -20.40 5.37 25.52
N ARG B 85 -19.71 4.62 24.68
CA ARG B 85 -20.32 3.41 24.11
C ARG B 85 -20.43 2.31 25.15
N LYS B 86 -19.44 2.20 26.03
CA LYS B 86 -19.50 1.18 27.07
C LYS B 86 -20.68 1.42 28.00
N ALA B 87 -20.97 2.70 28.31
CA ALA B 87 -22.10 3.01 29.17
C ALA B 87 -23.41 2.60 28.53
N GLU B 88 -23.50 2.68 27.20
CA GLU B 88 -24.68 2.30 26.42
C GLU B 88 -24.75 0.80 26.16
N GLY B 89 -23.68 0.05 26.37
CA GLY B 89 -23.68 -1.33 25.93
C GLY B 89 -23.70 -1.48 24.42
N LYS B 90 -23.05 -0.56 23.70
CA LYS B 90 -23.06 -0.46 22.25
C LYS B 90 -21.67 -0.70 21.67
N PRO B 91 -21.58 -1.17 20.43
CA PRO B 91 -20.27 -1.50 19.86
C PRO B 91 -19.59 -0.35 19.13
N ILE B 92 -18.26 -0.40 19.16
CA ILE B 92 -17.41 0.30 18.21
C ILE B 92 -16.80 -0.77 17.32
N HIS B 93 -17.50 -1.14 16.26
CA HIS B 93 -17.06 -2.22 15.37
C HIS B 93 -16.46 -1.63 14.11
N THR B 94 -15.32 -2.15 13.70
CA THR B 94 -14.62 -1.58 12.55
C THR B 94 -13.99 -2.70 11.71
N LEU B 95 -13.41 -2.28 10.60
CA LEU B 95 -12.84 -3.15 9.57
C LEU B 95 -11.38 -2.79 9.39
N GLY B 96 -10.50 -3.79 9.30
CA GLY B 96 -9.09 -3.53 9.06
C GLY B 96 -8.92 -2.89 7.68
N ALA B 97 -8.23 -1.74 7.62
CA ALA B 97 -8.00 -1.02 6.36
C ALA B 97 -6.53 -1.07 5.98
N ILE B 98 -6.25 -1.23 4.69
CA ILE B 98 -4.87 -1.44 4.23
C ILE B 98 -4.34 -0.28 3.42
N ASP B 99 -5.14 0.75 3.17
CA ASP B 99 -4.67 1.87 2.34
C ASP B 99 -5.58 3.07 2.57
N PRO B 100 -5.16 4.26 2.10
CA PRO B 100 -6.00 5.46 2.26
C PRO B 100 -7.34 5.40 1.56
N ILE B 101 -7.47 4.64 0.49
CA ILE B 101 -8.78 4.53 -0.17
C ILE B 101 -9.78 3.90 0.77
N GLN B 102 -9.41 2.78 1.39
CA GLN B 102 -10.35 2.15 2.30
C GLN B 102 -10.68 3.06 3.48
N MET B 103 -9.68 3.79 4.00
CA MET B 103 -9.92 4.78 5.05
C MET B 103 -11.02 5.77 4.63
N THR B 104 -10.92 6.33 3.42
CA THR B 104 -11.91 7.34 3.03
C THR B 104 -13.31 6.75 2.92
N GLN B 105 -13.44 5.51 2.46
CA GLN B 105 -14.77 4.92 2.33
C GLN B 105 -15.36 4.46 3.65
N GLN B 106 -14.54 4.26 4.68
CA GLN B 106 -15.01 3.88 6.00
C GLN B 106 -15.37 5.06 6.89
N ALA B 107 -14.90 6.27 6.55
CA ALA B 107 -14.90 7.37 7.50
C ALA B 107 -16.30 7.80 7.92
N ALA B 108 -17.28 7.71 7.01
CA ALA B 108 -18.64 8.10 7.40
C ALA B 108 -19.34 7.05 8.26
N HIS B 109 -18.79 5.83 8.33
CA HIS B 109 -19.52 4.68 8.87
C HIS B 109 -18.85 4.10 10.11
N GLN B 110 -17.57 3.73 10.04
CA GLN B 110 -16.86 3.17 11.18
C GLN B 110 -16.22 4.30 11.99
N GLU B 111 -16.43 4.26 13.31
CA GLU B 111 -16.00 5.35 14.19
C GLU B 111 -14.52 5.29 14.56
N VAL B 112 -13.83 4.19 14.24
CA VAL B 112 -12.39 4.07 14.45
C VAL B 112 -11.83 3.32 13.24
N LEU B 113 -10.51 3.31 13.15
CA LEU B 113 -9.79 2.68 12.05
C LEU B 113 -8.80 1.69 12.65
N TYR B 114 -8.68 0.52 12.04
CA TYR B 114 -7.78 -0.52 12.55
C TYR B 114 -6.71 -0.85 11.51
N VAL B 115 -5.47 -1.00 11.98
CA VAL B 115 -4.32 -1.30 11.13
C VAL B 115 -3.68 -2.59 11.61
N SER B 116 -3.69 -3.62 10.77
CA SER B 116 -3.24 -4.96 11.14
C SER B 116 -1.80 -5.18 10.71
N GLY B 117 -1.04 -5.90 11.54
CA GLY B 117 0.30 -6.28 11.15
C GLY B 117 0.34 -7.44 10.17
N TRP B 118 -0.64 -8.34 10.26
CA TRP B 118 -0.76 -9.40 9.26
C TRP B 118 -0.83 -8.80 7.86
N ALA B 119 -1.69 -7.80 7.68
CA ALA B 119 -1.82 -7.16 6.37
C ALA B 119 -0.50 -6.53 5.94
N CYS B 120 0.13 -5.75 6.83
CA CYS B 120 1.44 -5.17 6.52
C CYS B 120 2.41 -6.24 6.03
N SER B 121 2.46 -7.39 6.72
CA SER B 121 3.43 -8.42 6.35
C SER B 121 3.27 -8.84 4.90
N SER B 122 2.05 -8.89 4.39
CA SER B 122 1.82 -9.34 3.03
C SER B 122 1.59 -8.21 2.02
N VAL B 123 1.43 -6.96 2.46
CA VAL B 123 1.08 -5.89 1.52
C VAL B 123 1.99 -4.66 1.59
N LEU B 124 2.62 -4.39 2.75
CA LEU B 124 3.45 -3.17 2.83
C LEU B 124 4.40 -3.27 4.02
N THR B 125 5.67 -3.53 3.72
CA THR B 125 6.78 -3.64 4.67
C THR B 125 7.75 -2.48 4.46
N SER B 126 8.46 -2.08 5.54
CA SER B 126 9.39 -0.96 5.42
C SER B 126 10.58 -1.26 4.51
N THR B 127 10.81 -2.54 4.18
CA THR B 127 11.85 -2.94 3.23
C THR B 127 11.26 -3.40 1.90
N ASN B 128 9.94 -3.40 1.75
CA ASN B 128 9.20 -3.96 0.62
C ASN B 128 9.36 -5.47 0.50
N GLU B 129 9.86 -6.15 1.53
CA GLU B 129 9.94 -7.61 1.51
C GLU B 129 8.69 -8.14 2.20
N VAL B 130 7.72 -8.60 1.40
CA VAL B 130 6.48 -9.15 1.95
C VAL B 130 6.65 -10.65 2.13
N SER B 131 5.90 -11.22 3.07
CA SER B 131 6.08 -12.62 3.46
C SER B 131 4.93 -13.03 4.38
N PRO B 132 4.76 -14.33 4.69
CA PRO B 132 3.76 -14.71 5.69
C PRO B 132 4.04 -14.03 7.02
N ASP B 133 2.98 -13.88 7.82
CA ASP B 133 3.05 -13.14 9.07
C ASP B 133 3.75 -13.98 10.14
N PHE B 134 5.00 -13.62 10.44
CA PHE B 134 5.72 -14.11 11.61
C PHE B 134 6.11 -12.97 12.55
N GLY B 135 5.52 -11.79 12.36
CA GLY B 135 5.98 -10.59 13.06
C GLY B 135 7.44 -10.30 12.85
N ASP B 136 7.96 -10.60 11.64
CA ASP B 136 9.40 -10.60 11.39
C ASP B 136 9.83 -9.58 10.34
N TYR B 137 8.94 -8.67 9.95
CA TYR B 137 9.36 -7.45 9.27
C TYR B 137 10.06 -6.52 10.27
N PRO B 138 10.84 -5.53 9.79
CA PRO B 138 11.46 -4.57 10.74
C PRO B 138 10.38 -3.81 11.49
N TYR B 139 10.69 -3.41 12.72
CA TYR B 139 9.57 -2.99 13.56
C TYR B 139 9.05 -1.59 13.21
N ASN B 140 9.66 -0.84 12.29
CA ASN B 140 9.03 0.40 11.85
C ASN B 140 7.93 0.16 10.80
N THR B 141 7.64 -1.09 10.45
CA THR B 141 6.67 -1.43 9.40
C THR B 141 5.26 -0.99 9.75
N VAL B 142 4.74 -1.40 10.91
CA VAL B 142 3.35 -1.05 11.18
C VAL B 142 3.25 0.44 11.51
N PRO B 143 4.19 1.05 12.26
CA PRO B 143 4.14 2.51 12.39
C PRO B 143 4.16 3.23 11.05
N ASN B 144 4.93 2.75 10.07
N ASN B 144 4.92 2.74 10.06
CA ASN B 144 4.92 3.40 8.76
CA ASN B 144 4.91 3.40 8.76
C ASN B 144 3.53 3.35 8.10
C ASN B 144 3.53 3.35 8.10
N GLN B 145 2.84 2.22 8.24
CA GLN B 145 1.49 2.11 7.70
C GLN B 145 0.52 3.03 8.43
N VAL B 146 0.68 3.18 9.76
CA VAL B 146 -0.12 4.14 10.51
C VAL B 146 0.11 5.56 9.98
N GLN B 147 1.38 5.94 9.79
CA GLN B 147 1.69 7.28 9.28
C GLN B 147 1.07 7.51 7.91
N ARG B 148 1.12 6.50 7.05
CA ARG B 148 0.52 6.60 5.73
C ARG B 148 -0.98 6.91 5.83
N LEU B 149 -1.68 6.23 6.73
CA LEU B 149 -3.11 6.44 6.89
C LEU B 149 -3.39 7.77 7.58
N ALA B 150 -2.59 8.14 8.60
CA ALA B 150 -2.86 9.38 9.32
C ALA B 150 -2.63 10.60 8.44
N LYS B 151 -1.58 10.56 7.60
CA LYS B 151 -1.36 11.67 6.68
C LYS B 151 -2.45 11.76 5.62
N ALA B 152 -3.02 10.61 5.22
CA ALA B 152 -4.15 10.65 4.30
C ALA B 152 -5.41 11.18 4.99
N GLN B 153 -5.62 10.84 6.26
CA GLN B 153 -6.73 11.40 7.01
C GLN B 153 -6.67 12.91 7.06
N SER B 154 -5.48 13.45 7.33
CA SER B 154 -5.30 14.89 7.38
C SER B 154 -5.58 15.53 6.02
N MET B 155 -5.09 14.91 4.94
CA MET B 155 -5.35 15.44 3.60
C MET B 155 -6.84 15.48 3.30
N HIS B 156 -7.57 14.41 3.64
CA HIS B 156 -9.00 14.40 3.32
C HIS B 156 -9.79 15.31 4.26
N ASP B 157 -9.34 15.48 5.51
CA ASP B 157 -9.97 16.47 6.38
C ASP B 157 -9.80 17.88 5.80
N ARG B 158 -8.60 18.19 5.29
CA ARG B 158 -8.37 19.51 4.74
C ARG B 158 -9.20 19.74 3.48
N LYS B 159 -9.28 18.73 2.62
CA LYS B 159 -10.16 18.79 1.46
C LYS B 159 -11.61 19.07 1.88
N HIS B 160 -12.08 18.33 2.88
CA HIS B 160 -13.47 18.43 3.33
C HIS B 160 -13.77 19.80 3.92
N TRP B 161 -12.89 20.28 4.81
CA TRP B 161 -13.01 21.61 5.41
C TRP B 161 -13.05 22.70 4.35
N ASP B 162 -12.12 22.64 3.39
CA ASP B 162 -12.09 23.61 2.29
C ASP B 162 -13.42 23.63 1.54
N ALA B 163 -13.93 22.46 1.19
CA ALA B 163 -15.20 22.37 0.48
C ALA B 163 -16.34 22.99 1.28
N ARG B 164 -16.36 22.75 2.60
CA ARG B 164 -17.43 23.28 3.43
C ARG B 164 -17.37 24.80 3.54
N ARG B 165 -16.18 25.39 3.54
CA ARG B 165 -16.09 26.85 3.57
C ARG B 165 -16.59 27.49 2.27
N LYS B 166 -16.63 26.72 1.18
CA LYS B 166 -17.21 27.24 -0.06
C LYS B 166 -18.73 27.25 -0.04
N MET B 167 -19.36 26.45 0.81
CA MET B 167 -20.80 26.40 0.85
C MET B 167 -21.36 27.64 1.55
N SER B 168 -22.67 27.84 1.40
CA SER B 168 -23.37 28.82 2.21
C SER B 168 -23.41 28.36 3.67
N ALA B 169 -23.64 29.30 4.58
CA ALA B 169 -23.80 28.94 5.97
C ALA B 169 -24.99 28.01 6.17
N GLN B 170 -26.05 28.20 5.38
CA GLN B 170 -27.21 27.32 5.47
C GLN B 170 -26.93 25.95 4.86
N GLU B 171 -26.16 25.92 3.76
CA GLU B 171 -25.83 24.64 3.13
C GLU B 171 -24.94 23.78 4.02
N ARG B 172 -24.11 24.40 4.85
CA ARG B 172 -23.35 23.64 5.84
C ARG B 172 -24.27 23.02 6.88
N SER B 173 -25.26 23.78 7.35
CA SER B 173 -26.21 23.26 8.33
C SER B 173 -26.96 22.05 7.79
N SER B 174 -27.16 21.98 6.48
CA SER B 174 -27.96 20.94 5.86
C SER B 174 -27.16 19.71 5.47
N THR B 175 -25.84 19.83 5.32
CA THR B 175 -24.94 18.80 4.82
C THR B 175 -24.22 18.12 5.98
N PRO B 176 -24.29 16.79 6.08
CA PRO B 176 -23.62 16.11 7.19
C PRO B 176 -22.11 16.25 7.09
N TYR B 177 -21.49 16.50 8.24
CA TYR B 177 -20.05 16.66 8.35
C TYR B 177 -19.38 15.29 8.37
N THR B 178 -18.43 15.07 7.46
CA THR B 178 -17.70 13.80 7.40
C THR B 178 -16.43 13.90 8.25
N ASP B 179 -16.27 12.98 9.19
CA ASP B 179 -15.12 12.99 10.11
C ASP B 179 -14.07 12.02 9.58
N TYR B 180 -13.06 12.57 8.90
CA TYR B 180 -11.95 11.75 8.43
C TYR B 180 -10.90 11.49 9.50
N LEU B 181 -11.05 12.08 10.69
CA LEU B 181 -10.05 11.97 11.76
C LEU B 181 -10.48 10.91 12.78
N ARG B 182 -10.68 9.70 12.26
CA ARG B 182 -11.06 8.58 13.13
C ARG B 182 -9.84 8.04 13.87
N PRO B 183 -9.95 7.78 15.18
CA PRO B 183 -8.79 7.24 15.92
C PRO B 183 -8.30 5.93 15.34
N ILE B 184 -6.97 5.77 15.29
CA ILE B 184 -6.32 4.59 14.71
C ILE B 184 -5.87 3.65 15.82
N ILE B 185 -6.22 2.37 15.69
CA ILE B 185 -5.74 1.30 16.57
C ILE B 185 -4.81 0.42 15.75
N ALA B 186 -3.63 0.10 16.28
CA ALA B 186 -2.61 -0.58 15.49
C ALA B 186 -1.96 -1.74 16.25
N ASP B 187 -1.42 -2.68 15.46
CA ASP B 187 -0.83 -3.91 15.95
C ASP B 187 0.64 -3.68 16.32
N GLY B 188 0.97 -3.82 17.60
CA GLY B 188 2.34 -3.74 18.07
C GLY B 188 3.02 -5.09 18.21
N ASP B 189 2.39 -6.17 17.74
CA ASP B 189 2.94 -7.53 17.76
C ASP B 189 3.34 -7.85 19.18
N THR B 190 4.52 -8.42 19.40
CA THR B 190 5.04 -8.74 20.72
C THR B 190 5.89 -7.62 21.29
N GLY B 191 5.98 -6.47 20.60
CA GLY B 191 6.90 -5.43 21.00
C GLY B 191 8.26 -5.48 20.33
N HIS B 192 8.55 -6.56 19.58
CA HIS B 192 9.73 -6.65 18.70
C HIS B 192 11.05 -6.61 19.46
N GLY B 193 11.08 -7.23 20.64
CA GLY B 193 12.35 -7.43 21.28
C GLY B 193 12.30 -7.17 22.77
N GLY B 194 13.40 -6.69 23.33
CA GLY B 194 13.47 -6.41 24.75
C GLY B 194 12.78 -5.10 25.08
N LEU B 195 12.95 -4.69 26.33
CA LEU B 195 12.22 -3.52 26.81
C LEU B 195 12.62 -2.25 26.07
N THR B 196 13.88 -2.11 25.66
CA THR B 196 14.23 -0.89 24.93
C THR B 196 13.59 -0.84 23.55
N ALA B 197 13.44 -2.00 22.88
CA ALA B 197 12.71 -2.03 21.61
C ALA B 197 11.23 -1.67 21.80
N VAL B 198 10.61 -2.16 22.87
CA VAL B 198 9.22 -1.78 23.15
C VAL B 198 9.10 -0.27 23.27
N THR B 199 10.01 0.37 24.01
CA THR B 199 9.91 1.82 24.14
C THR B 199 10.09 2.53 22.80
N LYS B 200 11.04 2.06 21.98
CA LYS B 200 11.22 2.69 20.67
C LYS B 200 9.99 2.50 19.79
N LEU B 201 9.38 1.31 19.84
CA LEU B 201 8.19 1.04 19.03
C LEU B 201 7.01 1.90 19.48
N ALA B 202 6.82 2.00 20.80
CA ALA B 202 5.79 2.87 21.34
C ALA B 202 5.99 4.31 20.88
N LYS B 203 7.24 4.78 20.90
CA LYS B 203 7.52 6.13 20.44
C LYS B 203 7.16 6.29 18.96
N LEU B 204 7.55 5.33 18.11
CA LEU B 204 7.22 5.43 16.70
C LEU B 204 5.70 5.51 16.49
N PHE B 205 4.95 4.72 17.24
CA PHE B 205 3.50 4.73 17.05
C PHE B 205 2.89 6.06 17.46
N ALA B 206 3.42 6.67 18.53
CA ALA B 206 2.88 7.96 18.97
C ALA B 206 3.24 9.06 17.98
N GLU B 207 4.46 9.00 17.42
CA GLU B 207 4.85 9.93 16.36
C GLU B 207 4.05 9.72 15.07
N ALA B 208 3.76 8.46 14.73
CA ALA B 208 3.08 8.16 13.48
C ALA B 208 1.61 8.52 13.50
N GLY B 209 0.99 8.51 14.68
CA GLY B 209 -0.38 8.93 14.83
C GLY B 209 -1.34 7.91 15.41
N ALA B 210 -0.86 6.79 15.98
CA ALA B 210 -1.78 5.79 16.50
C ALA B 210 -2.36 6.20 17.85
N ALA B 211 -3.69 6.08 17.98
CA ALA B 211 -4.36 6.37 19.25
C ALA B 211 -4.20 5.24 20.24
N ALA B 212 -4.05 4.01 19.77
CA ALA B 212 -3.92 2.86 20.65
C ALA B 212 -3.06 1.82 19.96
N VAL B 213 -2.35 1.01 20.77
CA VAL B 213 -1.51 -0.06 20.25
C VAL B 213 -1.78 -1.31 21.08
N HIS B 214 -1.86 -2.47 20.43
CA HIS B 214 -1.95 -3.71 21.20
C HIS B 214 -0.66 -4.52 21.16
N PHE B 215 -0.35 -5.15 22.30
CA PHE B 215 0.85 -5.97 22.48
C PHE B 215 0.41 -7.33 22.99
N GLU B 216 0.93 -8.40 22.41
CA GLU B 216 0.47 -9.74 22.75
C GLU B 216 1.53 -10.58 23.44
N ASP B 217 1.08 -11.45 24.33
CA ASP B 217 1.97 -12.18 25.24
C ASP B 217 2.64 -13.38 24.59
N GLN B 218 3.11 -13.26 23.36
CA GLN B 218 3.86 -14.32 22.70
C GLN B 218 5.34 -13.96 22.67
N MET B 219 6.16 -14.99 22.46
CA MET B 219 7.60 -14.80 22.40
C MET B 219 7.96 -14.19 21.06
N HIS B 220 8.84 -13.18 21.08
CA HIS B 220 9.32 -12.61 19.84
C HIS B 220 10.22 -13.61 19.14
N GLY B 221 10.01 -13.76 17.84
CA GLY B 221 10.72 -14.77 17.08
C GLY B 221 9.79 -15.78 16.50
N GLY B 222 8.49 -15.67 16.78
CA GLY B 222 7.50 -16.43 16.07
C GLY B 222 7.18 -17.78 16.66
N LYS B 223 6.26 -18.44 15.98
CA LYS B 223 5.75 -19.72 16.41
C LYS B 223 6.75 -20.84 16.12
N LYS B 224 6.63 -21.92 16.90
CA LYS B 224 7.32 -23.15 16.57
C LYS B 224 6.69 -23.75 15.31
N CYS B 225 7.50 -24.41 14.49
CA CYS B 225 7.02 -25.04 13.27
C CYS B 225 7.32 -26.54 13.29
N GLY B 226 6.51 -27.28 12.54
CA GLY B 226 6.69 -28.71 12.40
C GLY B 226 5.92 -29.50 13.46
N HIS B 227 6.65 -30.30 14.24
CA HIS B 227 6.03 -31.08 15.31
C HIS B 227 5.67 -30.17 16.48
N LEU B 228 4.41 -30.26 16.93
CA LEU B 228 3.87 -29.37 17.95
C LEU B 228 3.94 -27.91 17.50
N ALA B 229 3.73 -27.69 16.21
CA ALA B 229 3.70 -26.34 15.68
C ALA B 229 2.62 -25.52 16.36
N GLY B 230 2.92 -24.26 16.64
CA GLY B 230 1.95 -23.39 17.27
C GLY B 230 2.63 -22.23 17.98
N LYS B 231 1.80 -21.43 18.64
CA LYS B 231 2.26 -20.24 19.32
C LYS B 231 3.09 -20.58 20.56
N VAL B 232 3.99 -19.67 20.91
CA VAL B 232 4.79 -19.77 22.14
C VAL B 232 4.49 -18.54 22.99
N LEU B 233 4.01 -18.77 24.21
CA LEU B 233 3.74 -17.69 25.16
C LEU B 233 5.02 -17.26 25.89
N VAL B 234 5.04 -16.01 26.37
CA VAL B 234 6.03 -15.62 27.37
C VAL B 234 5.41 -15.74 28.75
N SER B 235 6.21 -15.53 29.79
CA SER B 235 5.68 -15.53 31.16
C SER B 235 4.75 -14.34 31.38
N THR B 236 3.86 -14.49 32.36
CA THR B 236 2.95 -13.39 32.70
C THR B 236 3.75 -12.11 32.98
N GLY B 237 4.80 -12.21 33.80
CA GLY B 237 5.55 -11.03 34.17
C GLY B 237 6.31 -10.39 33.03
N GLU B 238 6.79 -11.20 32.08
CA GLU B 238 7.44 -10.62 30.91
C GLU B 238 6.49 -9.73 30.14
N HIS B 239 5.24 -10.17 29.97
CA HIS B 239 4.33 -9.34 29.19
C HIS B 239 3.93 -8.08 29.96
N ILE B 240 3.79 -8.19 31.28
CA ILE B 240 3.52 -7.00 32.09
C ILE B 240 4.63 -5.96 31.91
N ASN B 241 5.89 -6.40 31.88
CA ASN B 241 6.98 -5.44 31.69
C ASN B 241 6.89 -4.73 30.34
N ARG B 242 6.43 -5.43 29.30
CA ARG B 242 6.24 -4.77 28.01
C ARG B 242 5.17 -3.70 28.10
N LEU B 243 4.03 -4.03 28.71
CA LEU B 243 2.96 -3.04 28.88
C LEU B 243 3.46 -1.83 29.66
N THR B 244 4.24 -2.07 30.73
CA THR B 244 4.80 -0.98 31.53
C THR B 244 5.80 -0.15 30.72
N ALA B 245 6.61 -0.79 29.87
CA ALA B 245 7.58 -0.03 29.06
C ALA B 245 6.87 0.92 28.11
N ALA B 246 5.81 0.46 27.47
CA ALA B 246 5.07 1.32 26.54
C ALA B 246 4.46 2.50 27.27
N ARG B 247 3.86 2.24 28.43
CA ARG B 247 3.27 3.33 29.20
C ARG B 247 4.35 4.30 29.66
N MET B 248 5.53 3.79 30.05
CA MET B 248 6.58 4.71 30.48
C MET B 248 7.00 5.62 29.34
N GLN B 249 7.13 5.08 28.13
CA GLN B 249 7.52 5.93 27.00
C GLN B 249 6.47 6.99 26.73
N TRP B 250 5.19 6.62 26.73
CA TRP B 250 4.17 7.63 26.48
C TRP B 250 4.11 8.64 27.62
N ASP B 251 4.33 8.20 28.86
CA ASP B 251 4.44 9.16 29.98
C ASP B 251 5.57 10.16 29.75
N ILE B 252 6.74 9.69 29.30
CA ILE B 252 7.85 10.59 29.01
C ILE B 252 7.45 11.59 27.93
N MET B 253 6.74 11.11 26.89
CA MET B 253 6.30 11.98 25.80
C MET B 253 5.13 12.88 26.18
N GLY B 254 4.48 12.63 27.31
CA GLY B 254 3.31 13.39 27.70
C GLY B 254 2.04 13.05 26.95
N THR B 255 1.99 11.87 26.33
CA THR B 255 0.86 11.49 25.49
C THR B 255 -0.02 10.45 26.21
N GLU B 256 -1.29 10.38 25.80
CA GLU B 256 -2.29 9.57 26.47
C GLU B 256 -2.71 8.35 25.63
N ASN B 257 -1.85 7.88 24.74
CA ASN B 257 -2.20 6.75 23.88
C ASN B 257 -2.63 5.55 24.72
N LEU B 258 -3.52 4.71 24.17
CA LEU B 258 -4.08 3.60 24.94
C LEU B 258 -3.26 2.34 24.78
N VAL B 259 -2.95 1.69 25.90
CA VAL B 259 -2.30 0.38 25.96
C VAL B 259 -3.37 -0.70 25.85
N ILE B 260 -3.22 -1.61 24.88
CA ILE B 260 -4.12 -2.76 24.76
C ILE B 260 -3.29 -4.02 25.01
N ALA B 261 -3.69 -4.82 26.00
CA ALA B 261 -3.02 -6.08 26.31
C ALA B 261 -3.79 -7.24 25.69
N ARG B 262 -3.11 -8.03 24.86
CA ARG B 262 -3.68 -9.18 24.19
C ARG B 262 -3.07 -10.45 24.77
N THR B 263 -3.90 -11.44 25.07
CA THR B 263 -3.41 -12.76 25.42
C THR B 263 -3.95 -13.80 24.44
N ASP B 264 -3.05 -14.72 24.05
CA ASP B 264 -3.39 -15.90 23.25
C ASP B 264 -3.20 -17.18 24.05
N SER B 265 -3.28 -17.09 25.37
CA SER B 265 -3.13 -18.31 26.15
C SER B 265 -4.36 -19.23 26.07
N GLU B 266 -5.43 -18.82 25.39
CA GLU B 266 -6.52 -19.75 25.11
C GLU B 266 -6.07 -20.85 24.16
N SER B 267 -5.09 -20.58 23.31
CA SER B 267 -4.63 -21.57 22.35
C SER B 267 -3.13 -21.87 22.40
N GLY B 268 -2.31 -21.06 23.06
CA GLY B 268 -0.87 -21.30 23.08
C GLY B 268 -0.51 -22.47 23.99
N ARG B 269 0.12 -23.51 23.44
CA ARG B 269 0.41 -24.74 24.18
C ARG B 269 1.87 -24.88 24.58
N LEU B 270 2.66 -23.82 24.39
CA LEU B 270 4.07 -23.80 24.76
C LEU B 270 4.35 -22.47 25.45
N ILE B 271 5.28 -22.47 26.38
CA ILE B 271 5.71 -21.25 27.06
C ILE B 271 7.22 -21.21 27.10
N SER B 272 7.79 -20.02 26.89
CA SER B 272 9.24 -19.89 26.70
C SER B 272 10.01 -19.86 28.02
N ASN B 273 9.35 -19.73 29.16
CA ASN B 273 10.03 -19.38 30.40
C ASN B 273 9.13 -19.80 31.56
N ASN B 274 9.69 -20.52 32.53
CA ASN B 274 8.91 -20.98 33.68
C ASN B 274 9.17 -20.17 34.95
N ILE B 275 9.75 -18.97 34.85
CA ILE B 275 10.22 -18.28 36.06
C ILE B 275 9.07 -17.75 36.92
N ASP B 276 7.88 -17.56 36.36
CA ASP B 276 6.80 -16.80 37.01
C ASP B 276 5.79 -17.78 37.63
N ALA B 277 5.66 -17.73 38.96
CA ALA B 277 4.76 -18.64 39.66
C ALA B 277 3.31 -18.54 39.20
N ARG B 278 2.89 -17.38 38.67
CA ARG B 278 1.52 -17.25 38.17
C ARG B 278 1.23 -18.16 36.97
N ASP B 279 2.27 -18.67 36.30
CA ASP B 279 2.10 -19.62 35.21
C ASP B 279 2.20 -21.08 35.65
N HIS B 280 2.61 -21.35 36.89
CA HIS B 280 3.03 -22.70 37.24
C HIS B 280 1.88 -23.69 37.24
N GLU B 281 0.64 -23.25 37.52
CA GLU B 281 -0.46 -24.20 37.55
C GLU B 281 -0.79 -24.77 36.16
N PHE B 282 -0.28 -24.16 35.08
CA PHE B 282 -0.58 -24.60 33.72
C PHE B 282 0.58 -25.35 33.06
N ILE B 283 1.74 -25.38 33.65
CA ILE B 283 2.87 -26.03 32.99
C ILE B 283 2.79 -27.54 33.20
N LEU B 284 3.11 -28.30 32.14
CA LEU B 284 2.91 -29.74 32.09
C LEU B 284 4.23 -30.49 32.23
N GLY B 285 4.16 -31.70 32.79
CA GLY B 285 5.36 -32.50 33.04
C GLY B 285 5.07 -33.99 33.01
N VAL B 286 6.15 -34.79 33.00
CA VAL B 286 6.04 -36.26 32.98
C VAL B 286 5.99 -36.78 34.41
N THR B 287 5.39 -37.96 34.56
CA THR B 287 5.38 -38.66 35.85
C THR B 287 6.15 -39.98 35.82
N ASP B 288 6.80 -40.32 34.71
CA ASP B 288 7.50 -41.59 34.55
C ASP B 288 8.97 -41.41 34.88
N PRO B 289 9.47 -41.97 35.99
CA PRO B 289 10.87 -41.73 36.36
C PRO B 289 11.87 -42.33 35.40
N SER B 290 11.43 -43.22 34.50
CA SER B 290 12.31 -43.85 33.52
C SER B 290 12.45 -43.04 32.23
N ALA B 291 11.82 -41.87 32.15
CA ALA B 291 11.95 -41.01 30.97
C ALA B 291 13.17 -40.12 31.13
N ALA B 292 14.10 -40.21 30.19
CA ALA B 292 15.25 -39.33 30.15
C ALA B 292 14.92 -38.08 29.34
N PRO B 293 15.65 -36.99 29.57
CA PRO B 293 15.39 -35.73 28.85
C PRO B 293 15.35 -35.89 27.33
N LEU B 294 14.22 -35.46 26.75
CA LEU B 294 13.98 -35.65 25.32
C LEU B 294 14.96 -34.85 24.46
N ALA B 295 15.13 -33.56 24.77
CA ALA B 295 15.95 -32.71 23.90
C ALA B 295 17.40 -33.19 23.88
N GLY B 296 17.91 -33.64 25.02
CA GLY B 296 19.29 -34.12 25.06
C GLY B 296 19.46 -35.44 24.33
N THR B 297 18.42 -36.28 24.32
CA THR B 297 18.47 -37.50 23.53
C THR B 297 18.47 -37.20 22.03
N LEU B 298 17.59 -36.28 21.59
CA LEU B 298 17.56 -35.93 20.17
C LEU B 298 18.88 -35.31 19.72
N GLN B 299 19.54 -34.55 20.59
CA GLN B 299 20.81 -33.93 20.23
C GLN B 299 21.93 -34.96 20.11
N ASN B 300 21.94 -35.95 21.00
CA ASN B 300 22.90 -37.05 20.86
C ASN B 300 22.65 -37.85 19.59
N MET B 301 21.40 -38.16 19.29
CA MET B 301 21.09 -38.88 18.06
C MET B 301 21.56 -38.09 16.84
N GLU B 302 21.25 -36.79 16.78
CA GLU B 302 21.72 -35.96 15.68
C GLU B 302 23.23 -35.96 15.58
N ALA B 303 23.92 -36.02 16.71
CA ALA B 303 25.38 -36.09 16.74
C ALA B 303 25.92 -37.46 16.34
N ARG B 304 25.09 -38.50 16.34
CA ARG B 304 25.49 -39.85 15.94
C ARG B 304 25.20 -40.13 14.48
N GLY B 305 24.75 -39.14 13.72
CA GLY B 305 24.44 -39.33 12.33
C GLY B 305 23.00 -39.69 12.04
N ALA B 306 22.16 -39.84 13.06
CA ALA B 306 20.75 -40.15 12.84
C ALA B 306 20.11 -39.13 11.91
N SER B 307 19.29 -39.61 10.99
CA SER B 307 18.64 -38.73 10.02
C SER B 307 17.52 -37.94 10.69
N ALA B 308 17.02 -36.95 9.96
CA ALA B 308 15.90 -36.15 10.47
C ALA B 308 14.67 -37.02 10.71
N SER B 309 14.45 -38.02 9.86
CA SER B 309 13.26 -38.86 10.02
C SER B 309 13.38 -39.76 11.25
N GLU B 310 14.59 -40.26 11.54
CA GLU B 310 14.78 -41.09 12.72
C GLU B 310 14.62 -40.27 14.00
N ILE B 311 15.11 -39.02 13.98
CA ILE B 311 14.89 -38.11 15.11
C ILE B 311 13.41 -37.82 15.27
N ASP B 312 12.75 -37.43 14.16
CA ASP B 312 11.31 -37.24 14.16
C ASP B 312 10.58 -38.43 14.77
N ALA B 313 11.09 -39.65 14.50
CA ALA B 313 10.43 -40.84 15.01
C ALA B 313 10.57 -40.97 16.52
N TYR B 314 11.78 -40.74 17.05
CA TYR B 314 11.96 -40.87 18.48
C TYR B 314 11.11 -39.85 19.23
N GLU B 315 11.06 -38.61 18.73
CA GLU B 315 10.24 -37.59 19.37
C GLU B 315 8.78 -38.01 19.41
N ALA B 316 8.24 -38.42 18.26
CA ALA B 316 6.85 -38.85 18.20
C ALA B 316 6.58 -39.99 19.18
N ALA B 317 7.50 -40.94 19.28
CA ALA B 317 7.29 -42.07 20.20
C ALA B 317 7.38 -41.62 21.65
N PHE B 318 8.27 -40.67 21.95
CA PHE B 318 8.39 -40.16 23.31
C PHE B 318 7.10 -39.49 23.76
N THR B 319 6.50 -38.69 22.87
CA THR B 319 5.24 -38.02 23.19
C THR B 319 4.14 -39.03 23.50
N ARG B 320 4.11 -40.14 22.77
CA ARG B 320 3.08 -41.14 22.98
C ARG B 320 3.24 -41.86 24.31
N ASP B 321 4.48 -42.24 24.65
CA ASP B 321 4.71 -43.13 25.79
C ASP B 321 4.64 -42.43 27.14
N HIS B 322 4.76 -41.10 27.19
CA HIS B 322 4.83 -40.38 28.46
C HIS B 322 3.86 -39.21 28.45
N PRO B 323 2.62 -39.44 28.89
CA PRO B 323 1.63 -38.35 28.92
C PRO B 323 2.05 -37.25 29.87
N LEU B 324 1.60 -36.03 29.56
CA LEU B 324 1.89 -34.87 30.41
C LEU B 324 0.66 -34.50 31.22
N VAL B 325 0.90 -34.08 32.47
CA VAL B 325 -0.13 -33.63 33.40
C VAL B 325 0.43 -32.45 34.17
N THR B 326 -0.44 -31.71 34.83
CA THR B 326 0.02 -30.67 35.73
C THR B 326 0.57 -31.29 37.01
N PHE B 327 1.34 -30.49 37.77
CA PHE B 327 1.84 -31.02 39.04
C PHE B 327 0.67 -31.39 39.96
N ASP B 328 -0.37 -30.57 40.00
CA ASP B 328 -1.54 -30.87 40.83
C ASP B 328 -2.11 -32.25 40.51
N GLU B 329 -2.27 -32.55 39.22
CA GLU B 329 -2.83 -33.84 38.83
C GLU B 329 -1.89 -34.97 39.22
N ALA B 330 -0.58 -34.77 39.06
CA ALA B 330 0.38 -35.79 39.47
C ALA B 330 0.31 -36.03 40.98
N ALA B 331 0.19 -34.96 41.78
CA ALA B 331 0.23 -35.12 43.23
C ALA B 331 -1.03 -35.80 43.76
N VAL B 332 -2.19 -35.43 43.21
CA VAL B 332 -3.44 -36.07 43.65
C VAL B 332 -3.46 -37.54 43.23
N SER B 333 -3.08 -37.83 41.98
CA SER B 333 -3.00 -39.22 41.53
C SER B 333 -2.03 -40.01 42.39
N HIS B 334 -0.90 -39.40 42.77
CA HIS B 334 0.07 -40.06 43.63
C HIS B 334 -0.49 -40.30 45.03
N MET B 335 -1.20 -39.33 45.59
CA MET B 335 -1.79 -39.53 46.91
C MET B 335 -2.80 -40.66 46.89
N LYS B 336 -3.64 -40.70 45.85
CA LYS B 336 -4.65 -41.75 45.76
C LYS B 336 -4.01 -43.12 45.63
N LYS B 337 -2.91 -43.21 44.88
CA LYS B 337 -2.19 -44.47 44.77
C LYS B 337 -1.65 -44.94 46.11
N HIS B 338 -1.24 -44.02 46.99
CA HIS B 338 -0.68 -44.41 48.27
C HIS B 338 -1.67 -44.27 49.42
N ASN B 339 -2.97 -44.33 49.11
CA ASN B 339 -4.04 -44.31 50.11
C ASN B 339 -3.92 -43.10 51.05
N VAL B 340 -3.72 -41.93 50.46
CA VAL B 340 -3.65 -40.68 51.19
C VAL B 340 -4.77 -39.78 50.68
N ASP B 341 -5.54 -39.22 51.59
CA ASP B 341 -6.61 -38.31 51.23
C ASP B 341 -6.01 -37.04 50.61
N PRO B 342 -6.31 -36.71 49.36
CA PRO B 342 -5.77 -35.49 48.75
C PRO B 342 -6.53 -34.22 49.08
N ALA B 343 -7.55 -34.28 49.96
CA ALA B 343 -8.39 -33.11 50.20
C ALA B 343 -7.58 -31.92 50.68
N GLU B 344 -6.59 -32.14 51.54
CA GLU B 344 -5.78 -31.03 52.04
C GLU B 344 -4.99 -30.38 50.93
N TYR B 345 -4.40 -31.19 50.04
CA TYR B 345 -3.66 -30.63 48.91
C TYR B 345 -4.60 -29.84 48.01
N GLU B 346 -5.74 -30.43 47.65
CA GLU B 346 -6.68 -29.78 46.74
C GLU B 346 -7.20 -28.47 47.32
N ALA B 347 -7.53 -28.44 48.61
CA ALA B 347 -8.00 -27.19 49.20
C ALA B 347 -6.91 -26.13 49.23
N GLY B 348 -5.65 -26.55 49.40
CA GLY B 348 -4.57 -25.58 49.53
C GLY B 348 -4.24 -24.89 48.22
N VAL B 349 -4.19 -25.66 47.12
CA VAL B 349 -3.87 -25.03 45.84
C VAL B 349 -5.09 -24.33 45.25
N ALA B 350 -6.31 -24.75 45.60
CA ALA B 350 -7.49 -23.99 45.18
C ALA B 350 -7.47 -22.59 45.79
N LYS B 351 -7.04 -22.48 47.04
CA LYS B 351 -6.99 -21.18 47.71
C LYS B 351 -5.91 -20.28 47.12
N ASP B 352 -4.75 -20.84 46.76
CA ASP B 352 -3.63 -20.06 46.25
C ASP B 352 -3.28 -20.54 44.85
N ARG B 353 -3.98 -20.00 43.84
CA ARG B 353 -3.74 -20.35 42.44
C ARG B 353 -2.33 -20.04 41.98
N ASP B 354 -1.65 -19.12 42.67
CA ASP B 354 -0.33 -18.66 42.27
C ASP B 354 0.79 -19.36 43.02
N MET B 355 0.48 -20.46 43.71
CA MET B 355 1.51 -21.17 44.47
C MET B 355 2.59 -21.66 43.52
N SER B 356 3.85 -21.41 43.87
CA SER B 356 4.97 -21.87 43.06
C SER B 356 5.08 -23.39 43.08
N ILE B 357 5.72 -23.94 42.05
CA ILE B 357 5.95 -25.38 42.04
C ILE B 357 6.74 -25.81 43.28
N TRP B 358 7.73 -25.01 43.66
CA TRP B 358 8.50 -25.28 44.88
C TRP B 358 7.59 -25.48 46.08
N ASP B 359 6.62 -24.57 46.25
CA ASP B 359 5.73 -24.64 47.39
C ASP B 359 4.67 -25.74 47.24
N ARG B 360 4.21 -26.03 46.02
CA ARG B 360 3.31 -27.18 45.82
C ARG B 360 3.99 -28.48 46.18
N ARG B 361 5.25 -28.64 45.77
CA ARG B 361 5.99 -29.84 46.14
C ARG B 361 6.11 -29.97 47.65
N ALA B 362 6.39 -28.87 48.35
CA ALA B 362 6.53 -28.95 49.80
C ALA B 362 5.20 -29.29 50.47
N LEU B 363 4.09 -28.73 49.98
CA LEU B 363 2.78 -29.06 50.52
C LEU B 363 2.45 -30.53 50.34
N ALA B 364 2.65 -31.06 49.12
CA ALA B 364 2.44 -32.48 48.89
C ALA B 364 3.34 -33.33 49.78
N LYS B 365 4.60 -32.93 49.92
CA LYS B 365 5.53 -33.72 50.74
C LYS B 365 5.10 -33.73 52.21
N ASP B 366 4.60 -32.59 52.72
CA ASP B 366 4.17 -32.55 54.11
C ASP B 366 2.92 -33.40 54.34
N ILE B 367 2.02 -33.41 53.36
CA ILE B 367 0.81 -34.21 53.49
C ILE B 367 1.15 -35.70 53.44
N LEU B 368 2.07 -36.08 52.53
CA LEU B 368 2.41 -37.49 52.38
C LEU B 368 3.12 -38.03 53.62
N GLY B 369 3.95 -37.22 54.27
CA GLY B 369 4.64 -37.65 55.46
C GLY B 369 5.89 -38.48 55.19
N ALA B 370 6.64 -38.75 56.26
CA ALA B 370 7.95 -39.38 56.15
C ALA B 370 7.90 -40.83 55.67
N ASP B 371 6.75 -41.50 55.79
CA ASP B 371 6.65 -42.92 55.48
C ASP B 371 6.02 -43.19 54.12
N LYS B 372 5.95 -42.19 53.24
CA LYS B 372 5.47 -42.37 51.88
C LYS B 372 6.51 -41.83 50.91
N PRO B 373 6.60 -42.39 49.71
CA PRO B 373 7.48 -41.81 48.69
C PRO B 373 6.89 -40.49 48.19
N ASP B 374 7.76 -39.63 47.67
CA ASP B 374 7.34 -38.31 47.22
C ASP B 374 6.83 -38.37 45.79
N VAL B 375 6.09 -37.32 45.40
CA VAL B 375 5.56 -37.21 44.04
C VAL B 375 6.71 -37.12 43.06
N TYR B 376 6.62 -37.85 41.96
CA TYR B 376 7.57 -37.71 40.87
C TYR B 376 6.91 -36.92 39.73
N TRP B 377 7.55 -35.81 39.33
CA TRP B 377 7.02 -34.95 38.29
C TRP B 377 8.16 -34.07 37.79
N ASP B 378 8.33 -34.01 36.47
CA ASP B 378 9.46 -33.29 35.90
C ASP B 378 8.99 -32.50 34.68
N TRP B 379 9.02 -31.17 34.77
CA TRP B 379 8.61 -30.35 33.64
C TRP B 379 9.75 -30.07 32.66
N ASP B 380 10.98 -30.48 33.00
CA ASP B 380 12.13 -30.30 32.11
C ASP B 380 12.27 -31.43 31.10
N VAL B 381 12.03 -32.68 31.55
CA VAL B 381 12.19 -33.85 30.68
C VAL B 381 11.47 -33.72 29.33
N PRO B 382 10.21 -33.29 29.29
CA PRO B 382 9.53 -33.20 27.97
C PRO B 382 9.72 -31.90 27.19
N ARG B 383 10.63 -31.00 27.59
CA ARG B 383 10.81 -29.73 26.85
C ARG B 383 11.14 -29.97 25.38
N THR B 384 10.72 -29.02 24.54
CA THR B 384 11.04 -29.09 23.12
C THR B 384 12.54 -28.86 22.90
N ARG B 385 12.96 -29.11 21.66
CA ARG B 385 14.37 -28.90 21.30
C ARG B 385 14.81 -27.46 21.54
N GLU B 386 13.90 -26.49 21.37
CA GLU B 386 14.23 -25.10 21.64
C GLU B 386 14.31 -24.82 23.13
N GLY B 387 13.85 -25.74 23.96
CA GLY B 387 13.78 -25.51 25.39
C GLY B 387 12.45 -25.00 25.88
N TYR B 388 11.40 -25.09 25.07
CA TYR B 388 10.10 -24.58 25.49
C TYR B 388 9.41 -25.58 26.41
N TYR B 389 8.60 -25.06 27.34
CA TYR B 389 7.81 -25.84 28.28
C TYR B 389 6.40 -26.04 27.75
N HIS B 390 5.79 -27.15 28.12
CA HIS B 390 4.43 -27.43 27.67
C HIS B 390 3.43 -26.77 28.62
N PHE B 391 2.36 -26.21 28.05
CA PHE B 391 1.44 -25.30 28.73
C PHE B 391 0.00 -25.72 28.43
N ARG B 392 -0.83 -25.80 29.46
CA ARG B 392 -2.25 -26.14 29.32
C ARG B 392 -3.03 -24.89 28.94
N SER B 393 -3.21 -24.71 27.64
CA SER B 393 -3.95 -23.58 27.10
C SER B 393 -5.44 -23.72 27.41
N GLY B 394 -6.13 -22.60 27.40
CA GLY B 394 -7.58 -22.61 27.58
C GLY B 394 -8.06 -21.35 28.25
N MET B 395 -9.38 -21.27 28.42
CA MET B 395 -9.94 -20.05 29.00
C MET B 395 -9.59 -19.89 30.47
N ARG B 396 -9.21 -20.96 31.18
CA ARG B 396 -8.75 -20.76 32.54
C ARG B 396 -7.49 -19.89 32.57
N ALA B 397 -6.49 -20.26 31.75
CA ALA B 397 -5.28 -19.45 31.67
C ALA B 397 -5.57 -18.07 31.09
N ALA B 398 -6.43 -17.99 30.07
CA ALA B 398 -6.66 -16.72 29.40
C ALA B 398 -7.32 -15.73 30.36
N THR B 399 -8.24 -16.23 31.18
CA THR B 399 -8.94 -15.35 32.10
C THR B 399 -8.00 -14.88 33.21
N LYS B 400 -7.16 -15.79 33.71
CA LYS B 400 -6.21 -15.42 34.74
C LYS B 400 -5.24 -14.36 34.22
N ARG B 401 -4.77 -14.52 32.97
CA ARG B 401 -3.87 -13.52 32.40
C ARG B 401 -4.59 -12.20 32.16
N ALA B 402 -5.84 -12.23 31.70
CA ALA B 402 -6.59 -10.99 31.50
C ALA B 402 -6.65 -10.19 32.78
N LEU B 403 -6.94 -10.87 33.90
CA LEU B 403 -6.98 -10.19 35.19
C LEU B 403 -5.60 -9.69 35.60
N ALA B 404 -4.55 -10.46 35.31
CA ALA B 404 -3.20 -10.01 35.68
C ALA B 404 -2.78 -8.79 34.86
N PHE B 405 -3.20 -8.70 33.61
CA PHE B 405 -2.80 -7.57 32.77
C PHE B 405 -3.67 -6.35 33.00
N ALA B 406 -4.85 -6.54 33.60
CA ALA B 406 -5.82 -5.45 33.71
C ALA B 406 -5.28 -4.17 34.34
N PRO B 407 -4.51 -4.20 35.45
CA PRO B 407 -3.99 -2.93 36.01
C PRO B 407 -3.02 -2.20 35.11
N TYR B 408 -2.56 -2.82 34.04
CA TYR B 408 -1.55 -2.22 33.17
C TYR B 408 -2.09 -1.87 31.80
N ALA B 409 -3.37 -2.08 31.56
CA ALA B 409 -3.93 -1.98 30.22
C ALA B 409 -5.18 -1.14 30.24
N ASP B 410 -5.36 -0.32 29.20
CA ASP B 410 -6.61 0.41 29.05
C ASP B 410 -7.72 -0.46 28.46
N LEU B 411 -7.36 -1.44 27.64
CA LEU B 411 -8.31 -2.41 27.12
C LEU B 411 -7.67 -3.79 27.14
N LEU B 412 -8.50 -4.81 27.32
CA LEU B 412 -8.06 -6.20 27.36
C LEU B 412 -8.57 -6.94 26.13
N TRP B 413 -7.66 -7.61 25.41
CA TRP B 413 -7.99 -8.35 24.21
C TRP B 413 -7.71 -9.82 24.51
N VAL B 414 -8.76 -10.62 24.65
CA VAL B 414 -8.60 -12.04 24.96
C VAL B 414 -9.10 -12.83 23.77
N GLU B 415 -8.21 -13.57 23.12
CA GLU B 415 -8.65 -14.55 22.12
C GLU B 415 -9.41 -15.66 22.83
N THR B 416 -10.61 -15.98 22.33
CA THR B 416 -11.50 -16.92 23.00
C THR B 416 -11.85 -18.15 22.18
N GLY B 417 -11.32 -18.30 20.96
CA GLY B 417 -11.65 -19.44 20.14
C GLY B 417 -12.84 -19.18 19.22
N ASP B 418 -13.66 -20.19 18.96
CA ASP B 418 -14.85 -20.00 18.14
C ASP B 418 -15.73 -18.90 18.72
N PRO B 419 -16.30 -18.05 17.88
CA PRO B 419 -17.21 -17.00 18.38
C PRO B 419 -18.34 -17.61 19.19
N SER B 420 -18.53 -17.08 20.39
CA SER B 420 -19.49 -17.64 21.34
C SER B 420 -19.96 -16.54 22.27
N VAL B 421 -21.25 -16.21 22.21
CA VAL B 421 -21.78 -15.26 23.19
C VAL B 421 -21.60 -15.80 24.60
N SER B 422 -21.77 -17.13 24.78
CA SER B 422 -21.65 -17.72 26.12
C SER B 422 -20.27 -17.53 26.72
N VAL B 423 -19.22 -17.82 25.92
CA VAL B 423 -17.85 -17.69 26.42
C VAL B 423 -17.51 -16.24 26.68
N CYS B 424 -17.93 -15.35 25.77
CA CYS B 424 -17.75 -13.91 25.99
C CYS B 424 -18.45 -13.43 27.25
N ARG B 425 -19.69 -13.87 27.47
CA ARG B 425 -20.41 -13.44 28.68
C ARG B 425 -19.70 -13.88 29.95
N GLN B 426 -19.22 -15.13 29.97
CA GLN B 426 -18.48 -15.61 31.12
C GLN B 426 -17.19 -14.80 31.36
N LEU B 427 -16.44 -14.51 30.29
CA LEU B 427 -15.21 -13.74 30.45
C LEU B 427 -15.51 -12.32 30.91
N GLY B 428 -16.48 -11.66 30.27
CA GLY B 428 -16.82 -10.30 30.65
C GLY B 428 -17.22 -10.18 32.10
N ARG B 429 -18.03 -11.11 32.59
CA ARG B 429 -18.41 -11.12 34.00
C ARG B 429 -17.21 -11.35 34.90
N ALA B 430 -16.32 -12.27 34.51
CA ALA B 430 -15.17 -12.57 35.35
C ALA B 430 -14.25 -11.36 35.47
N VAL B 431 -14.05 -10.62 34.37
CA VAL B 431 -13.26 -9.40 34.44
C VAL B 431 -13.96 -8.35 35.27
N LYS B 432 -15.26 -8.15 35.01
CA LYS B 432 -15.99 -7.05 35.62
C LYS B 432 -16.24 -7.24 37.11
N GLU B 433 -16.08 -8.45 37.63
CA GLU B 433 -16.22 -8.59 39.07
C GLU B 433 -14.98 -8.11 39.82
N ALA B 434 -13.84 -7.99 39.14
CA ALA B 434 -12.64 -7.39 39.73
C ALA B 434 -12.32 -6.01 39.16
N TYR B 435 -12.71 -5.73 37.92
CA TYR B 435 -12.43 -4.45 37.27
C TYR B 435 -13.70 -4.05 36.52
N PRO B 436 -14.71 -3.54 37.24
CA PRO B 436 -16.02 -3.31 36.61
C PRO B 436 -16.02 -2.24 35.54
N GLU B 437 -14.98 -1.41 35.47
CA GLU B 437 -14.90 -0.34 34.49
C GLU B 437 -14.11 -0.73 33.24
N LYS B 438 -13.48 -1.90 33.24
CA LYS B 438 -12.51 -2.25 32.20
C LYS B 438 -13.22 -2.67 30.91
N ALA B 439 -12.78 -2.10 29.79
CA ALA B 439 -13.33 -2.41 28.47
C ALA B 439 -12.54 -3.52 27.80
N LEU B 440 -13.23 -4.32 26.99
CA LEU B 440 -12.65 -5.45 26.29
C LEU B 440 -12.67 -5.25 24.78
N VAL B 441 -11.82 -6.00 24.08
CA VAL B 441 -11.72 -5.99 22.63
C VAL B 441 -12.12 -7.37 22.14
N TYR B 442 -12.83 -7.43 21.01
CA TYR B 442 -13.13 -8.70 20.37
C TYR B 442 -12.63 -8.73 18.94
N ASN B 443 -11.93 -9.80 18.58
CA ASN B 443 -11.37 -10.00 17.23
C ASN B 443 -12.34 -10.87 16.42
N LEU B 444 -13.10 -10.23 15.53
CA LEU B 444 -14.13 -10.91 14.73
C LEU B 444 -13.49 -11.66 13.57
N SER B 445 -13.63 -12.98 13.55
CA SER B 445 -12.95 -13.78 12.52
C SER B 445 -13.62 -13.61 11.16
N PRO B 446 -12.86 -13.26 10.10
CA PRO B 446 -13.42 -13.24 8.75
C PRO B 446 -13.47 -14.62 8.09
N SER B 447 -12.79 -15.60 8.66
CA SER B 447 -12.64 -16.91 8.04
C SER B 447 -13.52 -17.98 8.66
N PHE B 448 -13.94 -17.79 9.91
CA PHE B 448 -14.81 -18.75 10.58
C PHE B 448 -16.10 -18.93 9.79
N ASN B 449 -16.55 -20.18 9.66
CA ASN B 449 -17.77 -20.51 8.94
C ASN B 449 -18.97 -20.37 9.88
N TRP B 450 -19.31 -19.10 10.19
CA TRP B 450 -20.38 -18.80 11.13
C TRP B 450 -21.63 -19.64 10.87
N MET B 451 -22.14 -19.59 9.64
CA MET B 451 -23.40 -20.25 9.32
C MET B 451 -23.30 -21.76 9.28
N GLY B 452 -22.09 -22.32 9.22
CA GLY B 452 -21.92 -23.75 9.35
C GLY B 452 -21.61 -24.21 10.75
N HIS B 453 -21.53 -23.30 11.72
CA HIS B 453 -21.19 -23.64 13.09
C HIS B 453 -22.17 -23.02 14.08
N GLY B 454 -23.45 -23.22 13.83
CA GLY B 454 -24.46 -22.95 14.83
C GLY B 454 -25.08 -21.57 14.83
N PHE B 455 -24.71 -20.70 13.90
CA PHE B 455 -25.36 -19.40 13.85
C PHE B 455 -26.54 -19.44 12.89
N THR B 456 -27.56 -18.63 13.18
CA THR B 456 -28.61 -18.32 12.22
C THR B 456 -28.29 -16.96 11.62
N GLU B 457 -29.02 -16.61 10.56
CA GLU B 457 -28.80 -15.30 9.97
C GLU B 457 -29.06 -14.21 11.00
N GLN B 458 -30.06 -14.41 11.86
CA GLN B 458 -30.41 -13.42 12.87
C GLN B 458 -29.34 -13.33 13.97
N THR B 459 -28.82 -14.45 14.47
CA THR B 459 -27.81 -14.35 15.51
C THR B 459 -26.44 -14.00 14.95
N LEU B 460 -26.19 -14.27 13.66
CA LEU B 460 -24.99 -13.77 13.02
C LEU B 460 -25.02 -12.25 13.00
N LYS B 461 -26.16 -11.67 12.63
CA LYS B 461 -26.29 -10.21 12.63
C LYS B 461 -26.18 -9.65 14.03
N SER B 462 -26.78 -10.30 15.03
CA SER B 462 -26.83 -9.66 16.34
C SER B 462 -25.55 -9.87 17.15
N PHE B 463 -24.63 -10.74 16.70
CA PHE B 463 -23.47 -11.12 17.51
C PHE B 463 -22.71 -9.92 18.04
N ILE B 464 -22.38 -8.96 17.17
CA ILE B 464 -21.62 -7.79 17.57
C ILE B 464 -22.35 -7.04 18.68
N TRP B 465 -23.67 -6.86 18.53
CA TRP B 465 -24.43 -6.15 19.55
C TRP B 465 -24.63 -6.98 20.80
N ASP B 466 -24.75 -8.31 20.66
CA ASP B 466 -24.88 -9.19 21.81
C ASP B 466 -23.65 -9.12 22.73
N ILE B 467 -22.45 -9.13 22.16
CA ILE B 467 -21.29 -9.14 23.05
C ILE B 467 -20.90 -7.73 23.48
N ALA B 468 -21.30 -6.70 22.73
CA ALA B 468 -21.10 -5.33 23.21
C ALA B 468 -21.82 -5.09 24.53
N LYS B 469 -22.97 -5.74 24.74
CA LYS B 469 -23.66 -5.62 26.02
C LYS B 469 -22.87 -6.23 27.16
N GLU B 470 -21.97 -7.18 26.89
CA GLU B 470 -21.15 -7.82 27.92
C GLU B 470 -19.80 -7.14 28.14
N GLY B 471 -19.56 -5.98 27.54
CA GLY B 471 -18.31 -5.26 27.77
C GLY B 471 -17.33 -5.22 26.61
N PHE B 472 -17.63 -5.91 25.51
CA PHE B 472 -16.73 -5.96 24.35
C PHE B 472 -17.05 -4.77 23.48
N VAL B 473 -16.49 -3.63 23.87
CA VAL B 473 -16.85 -2.37 23.25
C VAL B 473 -16.13 -2.15 21.93
N LEU B 474 -14.89 -2.62 21.79
CA LEU B 474 -14.12 -2.44 20.57
C LEU B 474 -14.05 -3.78 19.85
N GLN B 475 -14.40 -3.79 18.57
CA GLN B 475 -14.49 -5.04 17.82
C GLN B 475 -13.98 -4.80 16.41
N LEU B 476 -13.24 -5.76 15.87
CA LEU B 476 -12.58 -5.50 14.59
C LEU B 476 -12.51 -6.76 13.74
N VAL B 477 -12.72 -6.59 12.44
CA VAL B 477 -12.47 -7.63 11.45
C VAL B 477 -11.10 -7.31 10.85
N SER B 478 -10.04 -7.96 11.33
CA SER B 478 -8.69 -7.45 11.09
C SER B 478 -8.31 -7.49 9.62
N LEU B 479 -8.65 -8.57 8.91
CA LEU B 479 -8.24 -8.69 7.51
C LEU B 479 -9.32 -8.27 6.52
N ALA B 480 -10.30 -7.46 6.96
CA ALA B 480 -11.43 -7.15 6.08
C ALA B 480 -10.96 -6.53 4.76
N GLY B 481 -10.07 -5.55 4.83
CA GLY B 481 -9.63 -4.86 3.64
C GLY B 481 -8.76 -5.71 2.72
N VAL B 482 -8.12 -6.75 3.25
CA VAL B 482 -7.44 -7.71 2.39
C VAL B 482 -8.47 -8.46 1.53
N HIS B 483 -9.55 -8.93 2.16
CA HIS B 483 -10.49 -9.81 1.48
C HIS B 483 -11.37 -9.06 0.47
N THR B 484 -11.85 -7.87 0.81
CA THR B 484 -12.66 -7.13 -0.16
C THR B 484 -11.84 -6.78 -1.38
N ASN B 485 -10.59 -6.40 -1.17
CA ASN B 485 -9.72 -6.01 -2.28
C ASN B 485 -9.43 -7.20 -3.18
N ALA B 486 -9.08 -8.34 -2.58
CA ALA B 486 -8.79 -9.54 -3.36
C ALA B 486 -10.00 -10.00 -4.17
N THR B 487 -11.17 -10.00 -3.55
CA THR B 487 -12.37 -10.48 -4.21
C THR B 487 -12.72 -9.60 -5.40
N ALA B 488 -12.68 -8.28 -5.20
CA ALA B 488 -13.06 -7.37 -6.27
C ALA B 488 -12.12 -7.48 -7.46
N THR B 489 -10.81 -7.62 -7.21
CA THR B 489 -9.89 -7.74 -8.35
C THR B 489 -9.99 -9.11 -9.00
N CYS B 490 -10.20 -10.16 -8.21
CA CYS B 490 -10.38 -11.49 -8.78
C CYS B 490 -11.51 -11.50 -9.80
N GLU B 491 -12.64 -10.90 -9.44
CA GLU B 491 -13.80 -10.91 -10.31
C GLU B 491 -13.56 -10.09 -11.57
N LEU B 492 -12.98 -8.89 -11.41
CA LEU B 492 -12.73 -8.05 -12.59
C LEU B 492 -11.66 -8.66 -13.49
N ALA B 493 -10.58 -9.20 -12.90
CA ALA B 493 -9.47 -9.70 -13.72
C ALA B 493 -9.91 -10.84 -14.64
N ARG B 494 -10.72 -11.76 -14.13
CA ARG B 494 -11.24 -12.86 -14.94
C ARG B 494 -12.08 -12.35 -16.11
N ALA B 495 -13.01 -11.44 -15.82
CA ALA B 495 -13.95 -11.01 -16.83
C ALA B 495 -13.29 -10.09 -17.86
N PHE B 496 -12.35 -9.26 -17.41
CA PHE B 496 -11.71 -8.28 -18.30
C PHE B 496 -10.92 -8.98 -19.41
N LYS B 497 -10.26 -10.09 -19.08
CA LYS B 497 -9.49 -10.84 -20.07
C LYS B 497 -10.32 -11.13 -21.32
N ASP B 498 -11.60 -11.46 -21.16
CA ASP B 498 -12.46 -11.86 -22.27
C ASP B 498 -13.50 -10.83 -22.70
N GLU B 499 -13.96 -9.96 -21.80
CA GLU B 499 -14.99 -8.97 -22.12
C GLU B 499 -14.47 -7.55 -22.20
N GLY B 500 -13.21 -7.30 -21.85
CA GLY B 500 -12.65 -5.96 -22.00
C GLY B 500 -13.44 -4.90 -21.27
N MET B 501 -13.68 -3.78 -21.95
CA MET B 501 -14.33 -2.65 -21.29
C MET B 501 -15.78 -2.94 -20.90
N LEU B 502 -16.41 -3.95 -21.50
CA LEU B 502 -17.76 -4.33 -21.08
C LEU B 502 -17.75 -4.82 -19.63
N ALA B 503 -16.78 -5.66 -19.29
CA ALA B 503 -16.59 -6.09 -17.91
C ALA B 503 -16.29 -4.92 -16.99
N TYR B 504 -15.42 -4.00 -17.41
CA TYR B 504 -15.09 -2.87 -16.53
C TYR B 504 -16.32 -2.03 -16.26
N VAL B 505 -17.12 -1.74 -17.30
CA VAL B 505 -18.33 -0.95 -17.09
C VAL B 505 -19.32 -1.71 -16.20
N ASN B 506 -19.53 -3.00 -16.48
CA ASN B 506 -20.55 -3.76 -15.75
C ASN B 506 -20.15 -3.94 -14.29
N LEU B 507 -18.88 -4.27 -14.03
CA LEU B 507 -18.48 -4.67 -12.68
C LEU B 507 -17.96 -3.53 -11.84
N VAL B 508 -17.50 -2.44 -12.47
CA VAL B 508 -16.93 -1.32 -11.73
C VAL B 508 -17.75 -0.06 -11.94
N GLN B 509 -17.69 0.51 -13.14
CA GLN B 509 -18.22 1.86 -13.35
C GLN B 509 -19.70 1.95 -13.00
N ARG B 510 -20.52 1.02 -13.49
CA ARG B 510 -21.95 1.10 -13.24
C ARG B 510 -22.26 0.91 -11.76
N LYS B 511 -21.66 -0.09 -11.12
CA LYS B 511 -21.89 -0.32 -9.70
C LYS B 511 -21.44 0.88 -8.87
N GLU B 512 -20.28 1.43 -9.20
CA GLU B 512 -19.73 2.56 -8.45
C GLU B 512 -20.72 3.71 -8.40
N LYS B 513 -21.35 4.02 -9.54
CA LYS B 513 -22.33 5.10 -9.59
C LYS B 513 -23.62 4.71 -8.88
N GLU B 514 -24.04 3.45 -9.00
CA GLU B 514 -25.32 3.03 -8.44
C GLU B 514 -25.33 3.04 -6.91
N ILE B 515 -24.18 2.90 -6.26
CA ILE B 515 -24.12 2.94 -4.81
C ILE B 515 -23.65 4.28 -4.28
N GLY B 516 -23.36 5.23 -5.17
CA GLY B 516 -22.91 6.53 -4.71
C GLY B 516 -21.52 6.57 -4.11
N CYS B 517 -20.57 5.82 -4.69
CA CYS B 517 -19.19 5.87 -4.23
C CYS B 517 -18.53 7.16 -4.74
N ASP B 518 -17.99 7.96 -3.82
CA ASP B 518 -17.47 9.27 -4.20
C ASP B 518 -16.11 9.22 -4.90
N VAL B 519 -15.48 8.05 -5.00
CA VAL B 519 -14.27 7.93 -5.81
C VAL B 519 -14.57 7.89 -7.30
N LEU B 520 -15.84 7.67 -7.68
CA LEU B 520 -16.25 7.74 -9.07
C LEU B 520 -15.66 8.96 -9.78
N THR B 521 -15.74 10.11 -9.12
CA THR B 521 -15.12 11.35 -9.60
C THR B 521 -13.77 11.48 -8.89
N HIS B 522 -12.79 10.74 -9.39
CA HIS B 522 -11.54 10.55 -8.65
C HIS B 522 -10.75 11.84 -8.51
N GLN B 523 -10.82 12.74 -9.51
CA GLN B 523 -10.12 14.01 -9.40
C GLN B 523 -10.59 14.81 -8.20
N LYS B 524 -11.91 15.05 -8.11
CA LYS B 524 -12.46 15.72 -6.93
C LYS B 524 -12.12 14.96 -5.66
N TRP B 525 -12.29 13.63 -5.68
CA TRP B 525 -12.02 12.83 -4.50
C TRP B 525 -10.59 13.01 -4.01
N SER B 526 -9.63 13.09 -4.94
CA SER B 526 -8.22 13.17 -4.56
C SER B 526 -7.86 14.50 -3.91
N GLY B 527 -8.70 15.52 -4.07
CA GLY B 527 -8.44 16.83 -3.53
C GLY B 527 -8.04 17.87 -4.57
N ALA B 528 -8.43 17.69 -5.83
CA ALA B 528 -7.94 18.56 -6.90
C ALA B 528 -8.35 20.02 -6.69
N ALA B 529 -9.58 20.26 -6.24
CA ALA B 529 -10.04 21.64 -6.07
C ALA B 529 -9.36 22.33 -4.90
N TYR B 530 -9.01 21.56 -3.87
CA TYR B 530 -8.27 22.12 -2.72
C TYR B 530 -6.91 22.66 -3.16
N MET B 531 -6.14 21.86 -3.91
CA MET B 531 -4.83 22.32 -4.34
C MET B 531 -4.92 23.48 -5.32
N ASP B 532 -5.96 23.49 -6.17
CA ASP B 532 -6.13 24.59 -7.13
C ASP B 532 -6.31 25.93 -6.42
N ARG B 533 -6.98 25.94 -5.26
CA ARG B 533 -7.17 27.20 -4.56
C ARG B 533 -5.88 27.66 -3.89
N ILE B 534 -5.06 26.71 -3.40
CA ILE B 534 -3.79 27.07 -2.79
C ILE B 534 -2.86 27.71 -3.82
N VAL B 535 -2.75 27.07 -4.99
CA VAL B 535 -1.90 27.61 -6.06
C VAL B 535 -2.44 28.95 -6.53
N GLY B 536 -3.76 29.06 -6.71
CA GLY B 536 -4.35 30.33 -7.09
C GLY B 536 -4.14 31.43 -6.07
N ALA B 537 -4.05 31.07 -4.79
CA ALA B 537 -3.78 32.07 -3.76
C ALA B 537 -2.32 32.49 -3.74
N ILE B 538 -1.40 31.62 -4.16
CA ILE B 538 0.02 31.95 -4.11
C ILE B 538 0.38 32.95 -5.21
N GLN B 539 -0.16 32.77 -6.41
CA GLN B 539 0.12 33.68 -7.51
C GLN B 539 -0.79 34.90 -7.48
#